data_7EEV
#
_entry.id   7EEV
#
_cell.length_a   114.646
_cell.length_b   114.646
_cell.length_c   282.713
_cell.angle_alpha   90.000
_cell.angle_beta   90.000
_cell.angle_gamma   120.000
#
_symmetry.space_group_name_H-M   'P 61 2 2'
#
loop_
_entity.id
_entity.type
_entity.pdbx_description
1 polymer 'GTP cyclohydrolase II'
2 non-polymer "DEOXYURIDINE-5'-TRIPHOSPHATE"
3 non-polymer 'ZINC ION'
4 water water
#
_entity_poly.entity_id   1
_entity_poly.type   'polypeptide(L)'
_entity_poly.pdbx_seq_one_letter_code
;SNMSAESVAATPESAGGHIRLTSHSGGVGALPIHWGAPTASERGPVVGTTTNRAHRNVIGTHSGSYSIYRALAVASGALS
RHHKADLTDTAPTNIIGPYPQWSQPGKIVSLDPWGATVAEVFAAELAAGHDIRPSIAVTKAHVILPEVMEAIQKGRLHPD
GRFLLPSGAALVTKAAIEPVWHLPGVAERFHCSETDLRRVLFEETGGMYPELVTRSDLEVFLPPIGGQTVYIFGDARDLA
DPGVELTARVHDECNGSDVFGSDICTCRPYLTHAIEECIQGAQRGGVGLVAYSRKEGRALGEVTKFLVYNARKRQVGGDT
ADQYFARTECVAGVQDMRFQEMMPDVLHWLGVRKIHRLVSMSNMKYDAITGSGIEVVERVDLPADLIPADARVEIDAKMA
AGYFTPGAVPDADELAKVKGRELDG
;
_entity_poly.pdbx_strand_id   A,B
#
# COMPACT_ATOMS: atom_id res chain seq x y z
N VAL A 28 -13.29 -34.81 -4.69
CA VAL A 28 -12.64 -34.55 -5.98
C VAL A 28 -13.25 -33.25 -6.60
N GLY A 29 -14.48 -32.86 -6.20
CA GLY A 29 -15.09 -31.63 -6.67
C GLY A 29 -14.86 -30.44 -5.73
N ALA A 30 -15.51 -29.31 -6.06
CA ALA A 30 -15.28 -28.04 -5.35
C ALA A 30 -16.18 -27.93 -4.12
N LEU A 31 -15.57 -27.65 -2.97
CA LEU A 31 -16.32 -27.64 -1.72
C LEU A 31 -17.32 -26.48 -1.67
N PRO A 32 -18.52 -26.69 -1.14
CA PRO A 32 -19.48 -25.59 -1.01
C PRO A 32 -19.09 -24.63 0.11
N ILE A 33 -19.55 -23.39 -0.02
CA ILE A 33 -19.32 -22.35 0.97
C ILE A 33 -20.68 -21.87 1.44
N HIS A 34 -20.90 -21.92 2.76
CA HIS A 34 -22.15 -21.47 3.38
C HIS A 34 -21.71 -20.34 4.28
N TRP A 35 -21.78 -19.13 3.73
CA TRP A 35 -21.20 -18.00 4.44
C TRP A 35 -21.93 -17.82 5.76
N GLY A 36 -21.19 -17.48 6.80
CA GLY A 36 -21.84 -17.24 8.06
C GLY A 36 -22.24 -18.48 8.85
N ALA A 37 -21.96 -19.69 8.36
CA ALA A 37 -22.29 -20.89 9.13
C ALA A 37 -21.57 -20.87 10.48
N PRO A 38 -22.12 -21.53 11.50
CA PRO A 38 -21.53 -21.45 12.85
C PRO A 38 -20.32 -22.36 13.07
N THR A 39 -20.05 -23.36 12.24
CA THR A 39 -18.78 -24.08 12.35
C THR A 39 -17.96 -23.92 11.07
N ALA A 40 -16.63 -24.08 11.19
CA ALA A 40 -15.77 -24.07 10.01
C ALA A 40 -16.21 -25.13 9.01
N SER A 41 -16.46 -26.35 9.49
CA SER A 41 -16.84 -27.44 8.59
C SER A 41 -18.01 -27.06 7.73
N GLU A 42 -19.07 -26.59 8.37
CA GLU A 42 -20.24 -26.16 7.63
C GLU A 42 -19.95 -24.97 6.73
N ARG A 43 -19.21 -23.98 7.23
CA ARG A 43 -18.93 -22.80 6.42
C ARG A 43 -18.20 -23.19 5.15
N GLY A 44 -17.21 -24.08 5.29
CA GLY A 44 -16.36 -24.52 4.20
C GLY A 44 -15.21 -23.56 3.89
N PRO A 45 -14.11 -24.11 3.36
CA PRO A 45 -12.91 -23.29 3.12
C PRO A 45 -13.00 -22.46 1.87
N VAL A 46 -12.40 -21.28 1.96
CA VAL A 46 -12.16 -20.47 0.78
C VAL A 46 -11.00 -21.13 0.03
N VAL A 47 -11.29 -21.71 -1.15
CA VAL A 47 -10.27 -22.31 -2.00
C VAL A 47 -10.02 -21.36 -3.18
N GLY A 48 -8.96 -20.58 -3.06
CA GLY A 48 -8.74 -19.54 -4.05
C GLY A 48 -7.42 -19.69 -4.76
N THR A 49 -6.76 -20.80 -4.49
CA THR A 49 -5.53 -21.16 -5.18
C THR A 49 -5.86 -21.59 -6.61
N THR A 50 -4.81 -21.82 -7.39
CA THR A 50 -4.96 -22.25 -8.78
C THR A 50 -4.24 -23.57 -9.09
N THR A 51 -3.76 -24.29 -8.08
CA THR A 51 -3.07 -25.54 -8.37
C THR A 51 -4.03 -26.58 -8.93
N ASN A 52 -5.32 -26.49 -8.61
CA ASN A 52 -6.34 -27.44 -9.05
C ASN A 52 -7.61 -26.63 -9.27
N ARG A 53 -7.86 -26.29 -10.51
CA ARG A 53 -8.95 -25.38 -10.71
C ARG A 53 -10.31 -26.06 -10.48
N ALA A 54 -10.38 -27.39 -10.58
CA ALA A 54 -11.63 -28.06 -10.20
C ALA A 54 -12.00 -27.85 -8.73
N HIS A 55 -11.02 -27.50 -7.87
CA HIS A 55 -11.32 -27.24 -6.46
C HIS A 55 -11.71 -25.81 -6.16
N ARG A 56 -11.55 -24.89 -7.11
CA ARG A 56 -11.77 -23.48 -6.79
C ARG A 56 -13.24 -23.23 -6.54
N ASN A 57 -13.55 -22.55 -5.43
CA ASN A 57 -14.95 -22.27 -5.10
C ASN A 57 -15.19 -20.79 -4.89
N VAL A 58 -14.29 -19.94 -5.42
CA VAL A 58 -14.43 -18.50 -5.33
C VAL A 58 -14.03 -17.88 -6.66
N ILE A 59 -14.30 -16.58 -6.77
CA ILE A 59 -13.82 -15.77 -7.89
C ILE A 59 -12.58 -15.04 -7.42
N GLY A 60 -11.51 -15.10 -8.21
CA GLY A 60 -10.29 -14.40 -7.87
C GLY A 60 -9.33 -15.26 -7.08
N THR A 61 -8.37 -14.58 -6.48
CA THR A 61 -7.15 -15.24 -6.07
C THR A 61 -6.55 -14.49 -4.86
N HIS A 62 -5.69 -15.17 -4.12
CA HIS A 62 -5.21 -14.65 -2.84
C HIS A 62 -4.15 -13.56 -3.00
N SER A 63 -4.02 -12.76 -1.94
CA SER A 63 -2.90 -11.86 -1.67
C SER A 63 -3.12 -10.46 -2.27
N GLY A 64 -4.38 -10.08 -2.53
CA GLY A 64 -4.64 -8.76 -3.13
C GLY A 64 -3.92 -8.56 -4.46
N SER A 65 -3.25 -7.41 -4.58
CA SER A 65 -2.49 -7.08 -5.79
C SER A 65 -1.44 -8.13 -6.11
N TYR A 66 -0.95 -8.83 -5.10
CA TYR A 66 0.28 -9.57 -5.33
C TYR A 66 0.07 -10.86 -6.11
N SER A 67 -1.18 -11.16 -6.49
CA SER A 67 -1.36 -12.27 -7.42
C SER A 67 -0.66 -12.00 -8.74
N ILE A 68 -0.58 -10.72 -9.14
CA ILE A 68 0.10 -10.35 -10.40
C ILE A 68 1.58 -10.71 -10.34
N TYR A 69 2.24 -10.41 -9.22
CA TYR A 69 3.64 -10.77 -9.06
C TYR A 69 3.81 -12.29 -8.99
N ARG A 70 2.89 -13.01 -8.35
CA ARG A 70 2.95 -14.46 -8.41
C ARG A 70 2.90 -14.95 -9.85
N ALA A 71 2.04 -14.34 -10.68
CA ALA A 71 2.02 -14.68 -12.10
C ALA A 71 3.35 -14.44 -12.77
N LEU A 72 3.99 -13.28 -12.50
CA LEU A 72 5.32 -13.06 -13.06
C LEU A 72 6.31 -14.13 -12.61
N ALA A 73 6.22 -14.55 -11.34
CA ALA A 73 7.15 -15.54 -10.84
C ALA A 73 6.93 -16.88 -11.55
N VAL A 74 5.67 -17.23 -11.82
CA VAL A 74 5.43 -18.46 -12.57
C VAL A 74 5.93 -18.33 -14.01
N ALA A 75 5.62 -17.19 -14.66
CA ALA A 75 5.90 -17.08 -16.10
C ALA A 75 7.39 -17.09 -16.37
N SER A 76 8.20 -16.63 -15.42
CA SER A 76 9.63 -16.51 -15.61
C SER A 76 10.38 -17.77 -15.20
N GLY A 77 9.67 -18.79 -14.73
CA GLY A 77 10.30 -20.02 -14.28
C GLY A 77 10.67 -20.07 -12.82
N ALA A 78 10.63 -18.94 -12.10
CA ALA A 78 11.12 -18.93 -10.72
C ALA A 78 10.25 -19.75 -9.79
N LEU A 79 8.95 -19.85 -10.06
CA LEU A 79 8.02 -20.53 -9.17
C LEU A 79 7.25 -21.56 -9.98
N SER A 80 7.13 -22.75 -9.44
CA SER A 80 6.31 -23.78 -10.08
C SER A 80 4.84 -23.50 -9.84
N ARG A 81 4.04 -23.53 -10.92
CA ARG A 81 2.59 -23.42 -10.81
C ARG A 81 2.00 -24.50 -9.92
N HIS A 82 2.78 -25.51 -9.52
CA HIS A 82 2.28 -26.56 -8.66
C HIS A 82 2.62 -26.34 -7.20
N HIS A 83 3.41 -25.32 -6.86
CA HIS A 83 3.82 -25.14 -5.47
C HIS A 83 2.62 -24.87 -4.55
N LYS A 84 2.64 -25.52 -3.39
CA LYS A 84 1.70 -25.25 -2.31
C LYS A 84 2.48 -24.85 -1.08
N ALA A 85 1.93 -23.95 -0.29
CA ALA A 85 2.62 -23.51 0.91
C ALA A 85 2.81 -24.66 1.88
N ASP A 86 3.95 -24.67 2.57
CA ASP A 86 4.12 -25.49 3.76
C ASP A 86 3.74 -24.60 4.95
N LEU A 87 2.59 -24.86 5.57
CA LEU A 87 2.14 -23.98 6.63
C LEU A 87 2.74 -24.31 8.00
N THR A 88 3.73 -25.21 8.08
CA THR A 88 4.26 -25.61 9.39
C THR A 88 4.71 -24.39 10.18
N ASP A 89 4.28 -24.34 11.45
CA ASP A 89 4.69 -23.34 12.43
C ASP A 89 4.22 -21.92 12.08
N THR A 90 3.28 -21.76 11.16
CA THR A 90 2.83 -20.42 10.80
C THR A 90 1.59 -19.97 11.55
N ALA A 91 1.01 -20.83 12.39
CA ALA A 91 -0.30 -20.56 12.99
C ALA A 91 -0.24 -19.33 13.90
N PRO A 92 -1.40 -18.72 14.18
CA PRO A 92 -1.40 -17.44 14.91
C PRO A 92 -0.68 -17.51 16.25
N THR A 93 0.00 -16.41 16.59
CA THR A 93 0.63 -16.32 17.90
C THR A 93 -0.39 -16.12 19.00
N ASN A 94 -1.61 -15.68 18.65
CA ASN A 94 -2.66 -15.39 19.60
C ASN A 94 -3.97 -15.93 19.06
N ILE A 95 -4.77 -16.50 19.95
CA ILE A 95 -6.06 -17.07 19.55
C ILE A 95 -7.08 -15.94 19.49
N ILE A 96 -7.65 -15.72 18.32
CA ILE A 96 -8.72 -14.75 18.14
C ILE A 96 -9.97 -15.51 17.74
N GLY A 97 -11.01 -15.47 18.58
CA GLY A 97 -12.25 -16.15 18.32
C GLY A 97 -12.14 -17.66 18.44
N PRO A 98 -13.15 -18.40 17.93
CA PRO A 98 -14.32 -17.82 17.24
C PRO A 98 -15.18 -17.02 18.17
N TYR A 99 -15.94 -16.09 17.61
CA TYR A 99 -16.88 -15.30 18.38
C TYR A 99 -18.25 -15.39 17.72
N PRO A 100 -19.29 -15.04 18.44
CA PRO A 100 -20.65 -15.10 17.86
C PRO A 100 -20.79 -14.31 16.57
N GLN A 101 -20.18 -13.12 16.49
CA GLN A 101 -20.24 -12.31 15.28
C GLN A 101 -19.80 -13.09 14.05
N TRP A 102 -18.91 -14.08 14.20
CA TRP A 102 -18.44 -14.84 13.04
C TRP A 102 -19.58 -15.57 12.33
N SER A 103 -20.71 -15.75 13.00
CA SER A 103 -21.77 -16.56 12.43
C SER A 103 -23.10 -15.82 12.48
N GLN A 104 -23.08 -14.53 12.68
CA GLN A 104 -24.31 -13.80 12.59
C GLN A 104 -24.46 -13.34 11.16
N PRO A 105 -25.57 -13.68 10.55
CA PRO A 105 -25.85 -13.37 9.14
C PRO A 105 -25.68 -11.91 8.79
N GLY A 106 -24.86 -11.61 7.79
CA GLY A 106 -24.68 -10.24 7.35
C GLY A 106 -23.69 -9.44 8.17
N LYS A 107 -23.11 -10.02 9.21
CA LYS A 107 -22.30 -9.21 10.11
C LYS A 107 -20.90 -9.03 9.57
N ILE A 108 -20.28 -10.10 9.07
CA ILE A 108 -18.94 -10.03 8.49
C ILE A 108 -19.03 -10.51 7.04
N VAL A 109 -18.79 -9.57 6.10
CA VAL A 109 -18.96 -9.85 4.67
C VAL A 109 -17.72 -9.51 3.85
N SER A 110 -16.68 -8.91 4.44
CA SER A 110 -15.53 -8.47 3.64
C SER A 110 -14.18 -9.08 4.08
N LEU A 111 -14.19 -10.02 5.02
CA LEU A 111 -13.03 -10.82 5.35
C LEU A 111 -13.54 -12.18 5.78
N ASP A 112 -12.65 -13.16 5.80
CA ASP A 112 -13.05 -14.53 6.12
C ASP A 112 -12.78 -14.79 7.59
N PRO A 113 -13.79 -14.95 8.44
CA PRO A 113 -13.52 -15.10 9.88
C PRO A 113 -12.63 -16.29 10.19
N TRP A 114 -12.68 -17.35 9.39
CA TRP A 114 -11.85 -18.53 9.57
C TRP A 114 -10.49 -18.38 8.89
N GLY A 115 -10.19 -17.21 8.31
CA GLY A 115 -9.03 -17.12 7.44
C GLY A 115 -7.69 -17.27 8.14
N ALA A 116 -7.65 -17.12 9.44
CA ALA A 116 -6.36 -17.22 10.12
C ALA A 116 -6.06 -18.63 10.59
N THR A 117 -7.08 -19.48 10.66
CA THR A 117 -6.94 -20.77 11.32
C THR A 117 -7.18 -21.94 10.36
N VAL A 118 -6.98 -21.71 9.06
CA VAL A 118 -7.33 -22.74 8.08
C VAL A 118 -6.54 -24.00 8.33
N ALA A 119 -5.26 -23.88 8.76
CA ALA A 119 -4.48 -25.09 8.95
C ALA A 119 -5.10 -25.96 10.03
N GLU A 120 -5.71 -25.33 11.04
CA GLU A 120 -6.35 -26.06 12.13
C GLU A 120 -7.75 -26.53 11.75
N VAL A 121 -8.64 -25.60 11.36
CA VAL A 121 -10.03 -25.96 11.17
C VAL A 121 -10.29 -26.64 9.82
N PHE A 122 -9.37 -26.56 8.87
CA PHE A 122 -9.57 -27.24 7.59
C PHE A 122 -8.48 -28.28 7.33
N ALA A 123 -7.93 -28.84 8.41
CA ALA A 123 -6.84 -29.81 8.26
C ALA A 123 -7.25 -30.98 7.40
N ALA A 124 -8.48 -31.46 7.55
CA ALA A 124 -8.93 -32.61 6.76
C ALA A 124 -9.02 -32.26 5.28
N GLU A 125 -9.61 -31.10 4.98
CA GLU A 125 -9.72 -30.65 3.58
C GLU A 125 -8.36 -30.47 2.95
N LEU A 126 -7.42 -29.89 3.70
CA LEU A 126 -6.04 -29.80 3.22
C LEU A 126 -5.45 -31.18 2.89
N ALA A 127 -5.55 -32.11 3.83
CA ALA A 127 -5.01 -33.45 3.60
C ALA A 127 -5.72 -34.14 2.44
N ALA A 128 -7.00 -33.79 2.23
CA ALA A 128 -7.76 -34.37 1.13
C ALA A 128 -7.32 -33.86 -0.23
N GLY A 129 -6.50 -32.80 -0.28
CA GLY A 129 -6.00 -32.30 -1.54
C GLY A 129 -6.50 -30.93 -1.94
N HIS A 130 -7.27 -30.26 -1.09
CA HIS A 130 -7.72 -28.90 -1.35
C HIS A 130 -6.64 -27.93 -0.88
N ASP A 131 -6.07 -27.21 -1.84
CA ASP A 131 -4.98 -26.25 -1.59
C ASP A 131 -5.58 -24.97 -1.04
N ILE A 132 -5.58 -24.83 0.29
CA ILE A 132 -6.27 -23.77 1.00
C ILE A 132 -5.24 -22.83 1.59
N ARG A 133 -5.35 -21.53 1.28
CA ARG A 133 -4.34 -20.63 1.83
C ARG A 133 -4.94 -19.83 2.96
N PRO A 134 -4.15 -19.46 3.95
CA PRO A 134 -4.63 -18.47 4.93
C PRO A 134 -4.84 -17.12 4.25
N SER A 135 -5.87 -16.40 4.69
CA SER A 135 -6.04 -15.02 4.25
C SER A 135 -5.81 -14.06 5.40
N ILE A 136 -5.41 -14.58 6.57
CA ILE A 136 -5.05 -13.78 7.73
C ILE A 136 -3.85 -14.45 8.39
N ALA A 137 -2.96 -13.64 8.95
CA ALA A 137 -1.81 -14.18 9.69
C ALA A 137 -1.63 -13.35 10.94
N VAL A 138 -1.29 -14.01 12.03
CA VAL A 138 -1.22 -13.35 13.33
C VAL A 138 0.14 -13.60 13.94
N THR A 139 0.86 -12.51 14.27
CA THR A 139 2.20 -12.64 14.82
C THR A 139 2.40 -11.54 15.86
N LYS A 140 3.63 -11.40 16.34
CA LYS A 140 3.95 -10.42 17.38
C LYS A 140 5.11 -9.55 16.89
N ALA A 141 5.24 -8.37 17.50
CA ALA A 141 6.37 -7.50 17.17
C ALA A 141 6.69 -6.57 18.32
N HIS A 142 7.85 -5.91 18.20
CA HIS A 142 8.17 -4.72 18.99
C HIS A 142 8.18 -3.55 18.03
N VAL A 143 7.25 -2.61 18.22
CA VAL A 143 7.18 -1.44 17.36
C VAL A 143 7.84 -0.28 18.09
N ILE A 144 8.81 0.36 17.41
CA ILE A 144 9.51 1.53 17.96
C ILE A 144 9.16 2.74 17.10
N LEU A 145 8.33 3.60 17.62
CA LEU A 145 7.97 4.78 16.86
C LEU A 145 8.70 6.00 17.43
N PRO A 146 9.37 6.84 16.61
CA PRO A 146 10.04 8.02 17.18
C PRO A 146 9.12 8.86 18.03
N GLU A 147 7.84 8.96 17.66
CA GLU A 147 6.93 9.79 18.45
C GLU A 147 6.68 9.19 19.82
N VAL A 148 6.78 7.86 19.93
CA VAL A 148 6.65 7.24 21.24
C VAL A 148 7.93 7.46 22.04
N MET A 149 9.10 7.38 21.40
CA MET A 149 10.33 7.68 22.13
C MET A 149 10.33 9.11 22.63
N GLU A 150 9.81 10.05 21.82
CA GLU A 150 9.71 11.41 22.31
C GLU A 150 8.71 11.50 23.45
N ALA A 151 7.60 10.79 23.35
CA ALA A 151 6.62 10.82 24.43
C ALA A 151 7.26 10.41 25.74
N ILE A 152 8.20 9.45 25.69
CA ILE A 152 8.92 9.02 26.89
C ILE A 152 9.87 10.12 27.38
N GLN A 153 10.68 10.68 26.47
CA GLN A 153 11.58 11.76 26.83
C GLN A 153 10.85 12.93 27.47
N LYS A 154 9.61 13.18 27.09
CA LYS A 154 8.84 14.30 27.62
C LYS A 154 7.96 13.93 28.79
N GLY A 155 8.14 12.74 29.38
CA GLY A 155 7.36 12.39 30.55
C GLY A 155 5.89 12.14 30.34
N ARG A 156 5.43 12.02 29.09
CA ARG A 156 4.05 11.66 28.83
C ARG A 156 3.82 10.17 28.94
N LEU A 157 4.83 9.36 28.67
CA LEU A 157 4.75 7.93 28.82
C LEU A 157 5.89 7.45 29.70
N HIS A 158 5.65 6.37 30.43
CA HIS A 158 6.66 5.82 31.33
C HIS A 158 6.73 4.32 31.07
N PRO A 159 7.88 3.79 30.66
CA PRO A 159 7.98 2.35 30.42
C PRO A 159 7.66 1.57 31.66
N ASP A 160 6.97 0.44 31.46
CA ASP A 160 6.56 -0.46 32.52
C ASP A 160 7.23 -1.81 32.42
N GLY A 161 7.90 -2.10 31.31
CA GLY A 161 8.55 -3.39 31.12
C GLY A 161 7.67 -4.48 30.55
N ARG A 162 6.36 -4.27 30.47
CA ARG A 162 5.46 -5.23 29.85
C ARG A 162 4.96 -4.75 28.48
N PHE A 163 4.22 -3.66 28.45
CA PHE A 163 3.66 -3.09 27.22
C PHE A 163 4.64 -2.15 26.54
N LEU A 164 5.40 -1.39 27.32
CA LEU A 164 6.33 -0.38 26.82
C LEU A 164 7.68 -0.56 27.52
N LEU A 165 8.74 -0.71 26.73
CA LEU A 165 10.10 -0.90 27.22
C LEU A 165 10.85 0.43 27.29
N PRO A 166 11.97 0.47 28.03
CA PRO A 166 12.73 1.73 28.11
C PRO A 166 13.30 2.18 26.77
N SER A 167 13.61 1.21 25.90
CA SER A 167 14.00 1.53 24.53
C SER A 167 12.95 2.32 23.76
N GLY A 168 11.72 2.39 24.27
CA GLY A 168 10.61 2.93 23.51
C GLY A 168 9.81 1.89 22.74
N ALA A 169 10.22 0.63 22.74
CA ALA A 169 9.51 -0.39 21.98
C ALA A 169 8.18 -0.69 22.64
N ALA A 170 7.11 -0.77 21.85
CA ALA A 170 5.86 -1.32 22.38
C ALA A 170 5.67 -2.75 21.91
N LEU A 171 5.23 -3.61 22.81
CA LEU A 171 4.94 -5.00 22.47
C LEU A 171 3.53 -5.09 21.90
N VAL A 172 3.40 -5.66 20.70
CA VAL A 172 2.09 -5.76 20.07
C VAL A 172 1.91 -7.16 19.49
N THR A 173 0.63 -7.52 19.35
CA THR A 173 0.17 -8.54 18.41
C THR A 173 -0.29 -7.84 17.14
N LYS A 174 0.12 -8.33 15.98
CA LYS A 174 -0.39 -7.74 14.74
C LYS A 174 -0.97 -8.81 13.84
N ALA A 175 -2.05 -8.47 13.13
CA ALA A 175 -2.72 -9.40 12.23
C ALA A 175 -2.87 -8.74 10.87
N ALA A 176 -2.33 -9.40 9.83
CA ALA A 176 -2.56 -8.99 8.46
C ALA A 176 -3.80 -9.71 7.95
N ILE A 177 -4.72 -8.96 7.34
CA ILE A 177 -6.06 -9.45 6.96
C ILE A 177 -6.29 -9.11 5.51
N GLU A 178 -6.36 -10.12 4.65
CA GLU A 178 -6.62 -9.87 3.25
C GLU A 178 -8.12 -9.92 2.98
N PRO A 179 -8.58 -9.31 1.89
CA PRO A 179 -10.03 -9.18 1.69
C PRO A 179 -10.64 -10.48 1.15
N VAL A 180 -11.82 -10.79 1.63
CA VAL A 180 -12.62 -11.93 1.14
C VAL A 180 -14.07 -11.47 1.21
N TRP A 181 -14.68 -11.27 0.05
CA TRP A 181 -15.99 -10.63 -0.01
C TRP A 181 -17.06 -11.66 -0.28
N HIS A 182 -18.06 -11.68 0.57
CA HIS A 182 -19.28 -12.42 0.28
C HIS A 182 -20.16 -11.45 -0.48
N LEU A 183 -20.21 -11.62 -1.80
CA LEU A 183 -20.90 -10.65 -2.64
C LEU A 183 -22.36 -10.41 -2.22
N PRO A 184 -23.17 -11.43 -1.87
CA PRO A 184 -24.54 -11.11 -1.43
C PRO A 184 -24.54 -10.24 -0.17
N GLY A 185 -23.65 -10.52 0.79
CA GLY A 185 -23.56 -9.64 1.96
C GLY A 185 -23.08 -8.24 1.63
N VAL A 186 -22.05 -8.11 0.79
CA VAL A 186 -21.58 -6.79 0.40
C VAL A 186 -22.70 -6.01 -0.28
N ALA A 187 -23.43 -6.67 -1.18
CA ALA A 187 -24.54 -6.00 -1.89
C ALA A 187 -25.53 -5.42 -0.89
N GLU A 188 -25.99 -6.25 0.05
CA GLU A 188 -26.92 -5.81 1.09
C GLU A 188 -26.33 -4.65 1.90
N ARG A 189 -25.05 -4.77 2.28
CA ARG A 189 -24.37 -3.66 2.94
C ARG A 189 -24.55 -2.35 2.18
N PHE A 190 -24.60 -2.41 0.85
CA PHE A 190 -24.60 -1.19 0.02
C PHE A 190 -25.98 -0.83 -0.52
N HIS A 191 -27.04 -1.54 -0.11
CA HIS A 191 -28.41 -1.28 -0.59
C HIS A 191 -28.54 -1.37 -2.12
N CYS A 192 -27.89 -2.34 -2.74
CA CYS A 192 -28.23 -2.64 -4.12
C CYS A 192 -28.35 -4.14 -4.29
N SER A 193 -28.94 -4.55 -5.41
CA SER A 193 -29.08 -5.97 -5.66
C SER A 193 -27.70 -6.57 -5.93
N GLU A 194 -27.55 -7.85 -5.60
CA GLU A 194 -26.29 -8.51 -5.90
C GLU A 194 -26.00 -8.50 -7.40
N THR A 195 -27.02 -8.67 -8.24
CA THR A 195 -26.69 -8.76 -9.66
C THR A 195 -26.21 -7.41 -10.18
N ASP A 196 -26.74 -6.32 -9.64
CA ASP A 196 -26.25 -5.00 -10.02
C ASP A 196 -24.84 -4.75 -9.51
N LEU A 197 -24.59 -5.07 -8.24
CA LEU A 197 -23.24 -4.93 -7.72
C LEU A 197 -22.26 -5.66 -8.61
N ARG A 198 -22.58 -6.92 -8.95
CA ARG A 198 -21.64 -7.74 -9.70
C ARG A 198 -21.48 -7.24 -11.14
N ARG A 199 -22.58 -6.81 -11.77
CA ARG A 199 -22.49 -6.23 -13.10
C ARG A 199 -21.63 -4.99 -13.09
N VAL A 200 -21.86 -4.09 -12.13
CA VAL A 200 -21.07 -2.85 -12.09
C VAL A 200 -19.60 -3.14 -11.76
N LEU A 201 -19.32 -4.05 -10.82
CA LEU A 201 -17.94 -4.46 -10.58
C LEU A 201 -17.30 -4.90 -11.89
N PHE A 202 -18.02 -5.72 -12.64
CA PHE A 202 -17.48 -6.20 -13.90
C PHE A 202 -17.25 -5.04 -14.85
N GLU A 203 -18.26 -4.17 -15.04
CA GLU A 203 -18.13 -3.13 -16.06
C GLU A 203 -17.15 -2.05 -15.62
N GLU A 204 -17.23 -1.55 -14.43
CA GLU A 204 -16.34 -0.50 -14.06
C GLU A 204 -14.83 -0.81 -13.91
N THR A 205 -14.47 -2.07 -13.91
CA THR A 205 -13.10 -2.43 -13.95
C THR A 205 -12.65 -2.81 -15.32
N GLY A 206 -13.40 -2.50 -16.34
CA GLY A 206 -13.03 -2.90 -17.69
C GLY A 206 -13.19 -4.38 -17.94
N GLY A 207 -14.09 -5.02 -17.22
CA GLY A 207 -14.34 -6.43 -17.45
C GLY A 207 -13.43 -7.33 -16.65
N MET A 208 -13.05 -6.93 -15.43
CA MET A 208 -12.26 -7.84 -14.58
C MET A 208 -13.21 -8.97 -14.12
N TYR A 209 -12.74 -10.20 -14.16
CA TYR A 209 -13.46 -11.38 -13.68
C TYR A 209 -14.86 -11.46 -14.26
N PRO A 210 -15.00 -11.94 -15.49
CA PRO A 210 -16.33 -12.19 -16.04
C PRO A 210 -17.17 -13.12 -15.19
N GLU A 211 -16.58 -13.99 -14.36
CA GLU A 211 -17.43 -14.79 -13.49
C GLU A 211 -18.32 -13.96 -12.58
N LEU A 212 -17.98 -12.69 -12.36
CA LEU A 212 -18.93 -11.85 -11.62
C LEU A 212 -20.32 -11.87 -12.26
N VAL A 213 -20.39 -11.88 -13.60
CA VAL A 213 -21.69 -11.91 -14.28
C VAL A 213 -22.03 -13.29 -14.84
N THR A 214 -21.03 -14.19 -14.97
CA THR A 214 -21.18 -15.47 -15.64
C THR A 214 -21.37 -16.63 -14.68
N ARG A 215 -21.01 -16.48 -13.40
CA ARG A 215 -21.07 -17.57 -12.42
C ARG A 215 -21.79 -17.06 -11.18
N SER A 216 -23.10 -16.84 -11.31
CA SER A 216 -23.89 -16.43 -10.16
C SER A 216 -23.88 -17.46 -9.05
N ASP A 217 -23.50 -18.72 -9.33
CA ASP A 217 -23.35 -19.70 -8.24
C ASP A 217 -22.15 -19.39 -7.34
N LEU A 218 -21.14 -18.67 -7.83
CA LEU A 218 -20.00 -18.33 -6.99
C LEU A 218 -20.35 -17.10 -6.19
N GLU A 219 -20.41 -17.21 -4.88
CA GLU A 219 -20.78 -16.07 -4.05
C GLU A 219 -19.59 -15.30 -3.51
N VAL A 220 -18.39 -15.89 -3.50
CA VAL A 220 -17.25 -15.30 -2.81
C VAL A 220 -16.24 -14.78 -3.83
N PHE A 221 -15.77 -13.55 -3.59
CA PHE A 221 -14.84 -12.80 -4.44
C PHE A 221 -13.61 -12.42 -3.63
N LEU A 222 -12.45 -12.66 -4.20
CA LEU A 222 -11.17 -12.23 -3.62
C LEU A 222 -10.65 -11.09 -4.47
N PRO A 223 -10.94 -9.83 -4.10
CA PRO A 223 -10.59 -8.71 -4.99
C PRO A 223 -9.10 -8.46 -4.94
N PRO A 224 -8.51 -7.87 -6.01
CA PRO A 224 -7.06 -7.58 -6.01
C PRO A 224 -6.78 -6.22 -5.38
N ILE A 225 -7.14 -6.09 -4.10
CA ILE A 225 -7.00 -4.85 -3.36
C ILE A 225 -6.22 -5.14 -2.09
N GLY A 226 -5.67 -4.09 -1.47
CA GLY A 226 -5.02 -4.24 -0.19
C GLY A 226 -6.01 -4.55 0.92
N GLY A 227 -5.53 -5.19 1.96
CA GLY A 227 -6.40 -5.42 3.11
C GLY A 227 -6.10 -4.46 4.26
N GLN A 228 -5.89 -5.00 5.46
CA GLN A 228 -5.60 -4.13 6.58
C GLN A 228 -4.72 -4.88 7.55
N THR A 229 -4.19 -4.13 8.52
CA THR A 229 -3.34 -4.71 9.55
C THR A 229 -3.87 -4.20 10.87
N VAL A 230 -4.09 -5.11 11.81
CA VAL A 230 -4.54 -4.76 13.14
C VAL A 230 -3.33 -4.81 14.09
N TYR A 231 -3.15 -3.75 14.87
CA TYR A 231 -2.13 -3.71 15.91
C TYR A 231 -2.87 -3.77 17.25
N ILE A 232 -2.55 -4.77 18.07
CA ILE A 232 -3.19 -4.96 19.36
C ILE A 232 -2.19 -4.72 20.47
N PHE A 233 -2.54 -3.80 21.37
CA PHE A 233 -1.76 -3.44 22.56
C PHE A 233 -2.45 -4.08 23.78
N GLY A 234 -1.84 -5.14 24.31
CA GLY A 234 -2.44 -5.89 25.40
C GLY A 234 -2.94 -7.23 24.90
N ASP A 235 -4.01 -7.75 25.48
CA ASP A 235 -4.45 -9.11 25.20
C ASP A 235 -5.56 -9.09 24.15
N ALA A 236 -5.30 -9.74 23.01
CA ALA A 236 -6.33 -9.79 21.97
C ALA A 236 -7.67 -10.26 22.52
N ARG A 237 -7.67 -11.19 23.49
CA ARG A 237 -8.96 -11.71 23.96
C ARG A 237 -9.76 -10.64 24.70
N ASP A 238 -9.11 -9.62 25.27
CA ASP A 238 -9.86 -8.53 25.94
C ASP A 238 -10.65 -7.67 24.95
N LEU A 239 -10.29 -7.71 23.65
CA LEU A 239 -11.11 -7.02 22.65
C LEU A 239 -12.55 -7.53 22.68
N ALA A 240 -12.76 -8.78 23.07
CA ALA A 240 -14.10 -9.37 23.13
C ALA A 240 -14.76 -9.17 24.48
N ASP A 241 -14.12 -8.44 25.40
CA ASP A 241 -14.69 -8.23 26.72
C ASP A 241 -15.03 -6.77 26.90
N PRO A 242 -16.28 -6.34 26.66
CA PRO A 242 -16.61 -4.92 26.79
C PRO A 242 -16.48 -4.38 28.20
N GLY A 243 -16.12 -5.21 29.18
CA GLY A 243 -15.75 -4.69 30.48
C GLY A 243 -14.32 -4.22 30.60
N VAL A 244 -13.48 -4.49 29.59
CA VAL A 244 -12.10 -3.99 29.55
C VAL A 244 -12.04 -2.75 28.65
N GLU A 245 -11.49 -1.67 29.16
CA GLU A 245 -11.52 -0.42 28.42
C GLU A 245 -10.69 -0.55 27.14
N LEU A 246 -11.34 -0.24 26.02
CA LEU A 246 -10.74 -0.36 24.69
C LEU A 246 -10.56 1.03 24.11
N THR A 247 -9.32 1.36 23.78
CA THR A 247 -8.93 2.50 22.96
C THR A 247 -8.68 2.00 21.54
N ALA A 248 -9.31 2.64 20.55
CA ALA A 248 -9.17 2.15 19.18
C ALA A 248 -9.10 3.32 18.22
N ARG A 249 -8.35 3.11 17.12
CA ARG A 249 -8.43 3.96 15.93
C ARG A 249 -8.45 3.10 14.68
N VAL A 250 -9.34 3.43 13.76
CA VAL A 250 -9.23 2.91 12.40
C VAL A 250 -8.60 4.00 11.55
N HIS A 251 -7.42 3.71 11.01
CA HIS A 251 -6.61 4.63 10.22
C HIS A 251 -6.58 4.12 8.77
N ASP A 252 -6.92 4.99 7.83
CA ASP A 252 -6.82 4.69 6.40
C ASP A 252 -5.48 5.19 5.84
N GLU A 253 -4.79 4.32 5.10
CA GLU A 253 -3.42 4.58 4.63
C GLU A 253 -3.28 5.96 3.99
N CYS A 254 -2.22 6.67 4.38
CA CYS A 254 -1.79 7.90 3.71
C CYS A 254 -0.26 7.81 3.64
N ASN A 255 0.26 7.34 2.50
CA ASN A 255 1.69 7.05 2.45
C ASN A 255 2.51 8.33 2.63
N GLY A 256 2.07 9.40 1.98
CA GLY A 256 2.85 10.61 2.01
C GLY A 256 2.93 11.24 3.37
N SER A 257 2.10 10.79 4.33
CA SER A 257 2.26 11.20 5.72
C SER A 257 2.67 10.06 6.63
N ASP A 258 1.92 8.95 6.61
CA ASP A 258 2.23 7.81 7.48
C ASP A 258 3.71 7.42 7.39
N VAL A 259 4.25 7.45 6.18
CA VAL A 259 5.68 7.22 6.00
C VAL A 259 6.45 8.53 5.91
N PHE A 260 6.05 9.44 5.01
CA PHE A 260 6.93 10.54 4.61
C PHE A 260 6.66 11.86 5.34
N GLY A 261 5.68 11.92 6.24
CA GLY A 261 5.49 13.10 7.07
C GLY A 261 5.20 14.41 6.37
N SER A 262 4.54 14.39 5.21
CA SER A 262 4.12 15.66 4.62
C SER A 262 3.23 16.46 5.57
N ASP A 263 3.47 17.76 5.65
CA ASP A 263 2.75 18.58 6.60
C ASP A 263 1.45 19.14 6.06
N ILE A 264 0.95 18.61 4.94
CA ILE A 264 -0.34 19.06 4.43
C ILE A 264 -1.54 18.39 5.09
N CYS A 265 -1.33 17.32 5.87
CA CYS A 265 -2.46 16.56 6.43
C CYS A 265 -2.12 16.08 7.84
N THR A 266 -3.17 15.63 8.55
CA THR A 266 -3.12 15.24 9.95
C THR A 266 -2.79 13.78 10.16
N CYS A 267 -2.59 12.99 9.11
CA CYS A 267 -2.71 11.54 9.23
C CYS A 267 -1.73 10.91 10.23
N ARG A 268 -0.43 10.94 9.92
CA ARG A 268 0.53 10.34 10.84
C ARG A 268 0.48 10.94 12.24
N PRO A 269 0.34 12.25 12.41
CA PRO A 269 0.13 12.76 13.78
C PRO A 269 -1.04 12.06 14.47
N TYR A 270 -2.18 11.86 13.77
CA TYR A 270 -3.30 11.19 14.40
C TYR A 270 -2.99 9.73 14.67
N LEU A 271 -2.34 9.06 13.70
CA LEU A 271 -1.97 7.67 13.92
C LEU A 271 -1.08 7.52 15.15
N THR A 272 -0.03 8.34 15.27
CA THR A 272 0.89 8.13 16.37
C THR A 272 0.32 8.61 17.70
N HIS A 273 -0.50 9.65 17.69
CA HIS A 273 -1.28 9.99 18.88
C HIS A 273 -2.15 8.82 19.33
N ALA A 274 -2.80 8.13 18.38
CA ALA A 274 -3.63 6.98 18.77
C ALA A 274 -2.76 5.89 19.38
N ILE A 275 -1.60 5.61 18.77
CA ILE A 275 -0.69 4.59 19.27
C ILE A 275 -0.25 4.90 20.71
N GLU A 276 0.09 6.17 20.95
CA GLU A 276 0.40 6.62 22.30
C GLU A 276 -0.78 6.35 23.23
N GLU A 277 -1.98 6.73 22.81
CA GLU A 277 -3.14 6.50 23.67
C GLU A 277 -3.38 5.00 23.85
N CYS A 278 -3.12 4.19 22.82
CA CYS A 278 -3.37 2.76 23.00
C CYS A 278 -2.41 2.15 24.01
N ILE A 279 -1.15 2.60 24.01
CA ILE A 279 -0.16 2.07 24.94
C ILE A 279 -0.57 2.38 26.38
N GLN A 280 -0.95 3.63 26.63
CA GLN A 280 -1.40 4.00 27.97
C GLN A 280 -2.64 3.23 28.36
N GLY A 281 -3.57 3.05 27.42
CA GLY A 281 -4.73 2.23 27.70
C GLY A 281 -4.35 0.87 28.21
N ALA A 282 -3.49 0.16 27.47
CA ALA A 282 -3.02 -1.14 27.95
C ALA A 282 -2.35 -1.03 29.32
N GLN A 283 -1.57 0.04 29.53
CA GLN A 283 -0.79 0.13 30.76
C GLN A 283 -1.71 0.26 31.98
N ARG A 284 -2.81 1.00 31.83
CA ARG A 284 -3.84 1.12 32.86
C ARG A 284 -4.68 -0.14 33.01
N GLY A 285 -4.37 -1.22 32.28
CA GLY A 285 -5.12 -2.46 32.40
C GLY A 285 -6.18 -2.69 31.35
N GLY A 286 -6.29 -1.84 30.33
CA GLY A 286 -7.24 -2.03 29.25
C GLY A 286 -6.61 -2.70 28.05
N VAL A 287 -7.02 -2.26 26.86
CA VAL A 287 -6.47 -2.86 25.64
C VAL A 287 -6.58 -1.83 24.54
N GLY A 288 -5.66 -1.91 23.59
CA GLY A 288 -5.58 -0.93 22.52
C GLY A 288 -5.63 -1.59 21.17
N LEU A 289 -6.15 -0.85 20.19
CA LEU A 289 -6.38 -1.39 18.85
C LEU A 289 -6.15 -0.28 17.83
N VAL A 290 -5.24 -0.52 16.89
CA VAL A 290 -5.11 0.32 15.70
C VAL A 290 -5.29 -0.58 14.48
N ALA A 291 -6.27 -0.26 13.64
CA ALA A 291 -6.49 -0.93 12.36
C ALA A 291 -5.99 0.00 11.27
N TYR A 292 -5.13 -0.52 10.41
CA TYR A 292 -4.49 0.26 9.37
C TYR A 292 -4.93 -0.31 8.03
N SER A 293 -5.86 0.39 7.37
CA SER A 293 -6.60 -0.12 6.22
C SER A 293 -6.05 0.49 4.93
N ARG A 294 -5.85 -0.33 3.89
CA ARG A 294 -5.18 0.18 2.68
C ARG A 294 -6.21 0.85 1.76
N LYS A 295 -6.46 2.13 2.01
CA LYS A 295 -7.41 2.93 1.22
C LYS A 295 -6.80 4.30 0.87
N GLU A 296 -5.63 4.28 0.25
CA GLU A 296 -4.87 5.50 -0.06
C GLU A 296 -5.74 6.55 -0.74
N GLY A 297 -5.62 7.80 -0.30
CA GLY A 297 -6.30 8.89 -1.01
C GLY A 297 -7.80 8.74 -1.04
N ARG A 298 -8.39 8.33 0.06
CA ARG A 298 -9.83 8.12 0.14
C ARG A 298 -10.26 7.04 -0.86
N ALA A 299 -9.37 6.08 -1.07
CA ALA A 299 -9.57 5.00 -2.02
C ALA A 299 -9.74 5.52 -3.45
N LEU A 300 -9.25 6.74 -3.71
CA LEU A 300 -9.01 7.25 -5.07
C LEU A 300 -7.63 6.91 -5.58
N GLY A 301 -6.70 6.55 -4.69
CA GLY A 301 -5.33 6.34 -5.09
C GLY A 301 -4.55 7.64 -5.06
N GLU A 302 -3.21 7.50 -5.22
CA GLU A 302 -2.30 8.62 -4.97
C GLU A 302 -2.18 9.58 -6.15
N VAL A 303 -2.28 9.07 -7.38
CA VAL A 303 -2.32 9.97 -8.52
C VAL A 303 -3.46 11.00 -8.36
N THR A 304 -4.69 10.52 -8.16
CA THR A 304 -5.80 11.45 -8.04
C THR A 304 -5.57 12.42 -6.88
N LYS A 305 -5.06 11.89 -5.76
CA LYS A 305 -4.76 12.72 -4.59
C LYS A 305 -3.80 13.87 -4.92
N PHE A 306 -2.72 13.59 -5.68
CA PHE A 306 -1.77 14.65 -5.99
C PHE A 306 -2.37 15.66 -6.99
N LEU A 307 -3.16 15.19 -7.97
CA LEU A 307 -3.81 16.12 -8.89
C LEU A 307 -4.65 17.14 -8.13
N VAL A 308 -5.38 16.67 -7.13
CA VAL A 308 -6.22 17.55 -6.33
C VAL A 308 -5.37 18.56 -5.55
N TYR A 309 -4.26 18.10 -4.95
CA TYR A 309 -3.40 19.05 -4.24
C TYR A 309 -2.99 20.18 -5.17
N ASN A 310 -2.58 19.83 -6.40
CA ASN A 310 -2.19 20.86 -7.37
C ASN A 310 -3.35 21.81 -7.66
N ALA A 311 -4.54 21.26 -7.93
CA ALA A 311 -5.69 22.12 -8.20
C ALA A 311 -6.01 23.00 -7.01
N ARG A 312 -5.92 22.46 -5.80
CA ARG A 312 -6.15 23.25 -4.58
C ARG A 312 -5.25 24.46 -4.52
N LYS A 313 -3.96 24.27 -4.78
CA LYS A 313 -3.00 25.36 -4.58
C LYS A 313 -3.07 26.38 -5.70
N ARG A 314 -3.59 25.98 -6.86
CA ARG A 314 -3.57 26.88 -7.99
C ARG A 314 -4.91 27.59 -8.20
N GLN A 315 -5.98 27.18 -7.52
CA GLN A 315 -7.29 27.77 -7.80
C GLN A 315 -7.28 29.26 -7.53
N VAL A 316 -8.14 29.99 -8.24
CA VAL A 316 -8.31 31.40 -7.94
C VAL A 316 -8.73 31.55 -6.49
N GLY A 317 -8.12 32.51 -5.80
CA GLY A 317 -8.47 32.73 -4.42
C GLY A 317 -7.64 31.99 -3.41
N GLY A 318 -6.74 31.10 -3.86
CA GLY A 318 -5.90 30.37 -2.94
C GLY A 318 -6.54 29.10 -2.39
N ASP A 319 -5.77 28.39 -1.57
CA ASP A 319 -6.14 27.11 -0.99
C ASP A 319 -6.98 27.38 0.25
N THR A 320 -8.30 27.35 0.11
CA THR A 320 -9.20 27.68 1.22
C THR A 320 -10.01 26.47 1.63
N ALA A 321 -10.31 26.40 2.92
CA ALA A 321 -11.05 25.27 3.45
C ALA A 321 -12.42 25.17 2.81
N ASP A 322 -13.03 26.29 2.43
CA ASP A 322 -14.35 26.20 1.84
C ASP A 322 -14.34 25.64 0.42
N GLN A 323 -13.17 25.42 -0.20
CA GLN A 323 -13.09 24.73 -1.49
C GLN A 323 -12.46 23.35 -1.40
N TYR A 324 -12.03 22.93 -0.22
CA TYR A 324 -11.31 21.66 -0.06
C TYR A 324 -12.05 20.50 -0.72
N PHE A 325 -13.32 20.29 -0.35
CA PHE A 325 -14.04 19.13 -0.86
C PHE A 325 -14.37 19.30 -2.34
N ALA A 326 -14.70 20.53 -2.74
CA ALA A 326 -15.03 20.78 -4.13
C ALA A 326 -13.87 20.42 -5.04
N ARG A 327 -12.62 20.62 -4.60
CA ARG A 327 -11.50 20.33 -5.48
C ARG A 327 -11.36 18.83 -5.74
N THR A 328 -11.63 17.99 -4.73
CA THR A 328 -11.71 16.55 -4.97
C THR A 328 -12.90 16.21 -5.88
N GLU A 329 -14.08 16.76 -5.57
CA GLU A 329 -15.26 16.51 -6.39
C GLU A 329 -14.99 16.76 -7.86
N CYS A 330 -14.28 17.85 -8.17
CA CYS A 330 -14.13 18.20 -9.59
C CYS A 330 -13.25 17.18 -10.32
N VAL A 331 -12.28 16.60 -9.63
CA VAL A 331 -11.43 15.60 -10.27
C VAL A 331 -12.07 14.22 -10.20
N ALA A 332 -12.64 13.85 -9.04
CA ALA A 332 -13.02 12.46 -8.79
C ALA A 332 -14.49 12.16 -8.99
N GLY A 333 -15.37 13.17 -9.04
CA GLY A 333 -16.81 12.99 -9.16
C GLY A 333 -17.49 12.63 -7.85
N VAL A 334 -16.71 12.51 -6.78
CA VAL A 334 -17.23 12.13 -5.47
C VAL A 334 -16.26 12.75 -4.48
N GLN A 335 -16.68 12.88 -3.22
CA GLN A 335 -15.72 13.35 -2.22
C GLN A 335 -14.84 12.22 -1.66
N ASP A 336 -15.38 11.02 -1.51
CA ASP A 336 -14.70 9.99 -0.73
C ASP A 336 -15.23 8.64 -1.21
N MET A 337 -14.35 7.66 -1.42
CA MET A 337 -14.72 6.30 -1.87
C MET A 337 -14.33 5.19 -0.93
N ARG A 338 -14.08 5.50 0.36
CA ARG A 338 -13.61 4.47 1.29
C ARG A 338 -14.70 3.51 1.72
N PHE A 339 -15.98 3.87 1.58
CA PHE A 339 -17.11 3.09 2.06
C PHE A 339 -16.89 2.51 3.44
N GLN A 340 -16.92 3.41 4.45
CA GLN A 340 -16.72 2.98 5.83
C GLN A 340 -17.77 1.97 6.27
N GLU A 341 -18.82 1.75 5.48
CA GLU A 341 -19.82 0.77 5.91
C GLU A 341 -19.26 -0.65 5.93
N MET A 342 -18.12 -0.93 5.26
CA MET A 342 -17.47 -2.24 5.47
C MET A 342 -16.33 -2.20 6.47
N MET A 343 -15.95 -1.02 6.96
CA MET A 343 -14.81 -0.97 7.86
C MET A 343 -15.03 -1.67 9.21
N PRO A 344 -16.23 -1.71 9.80
CA PRO A 344 -16.39 -2.38 11.11
C PRO A 344 -16.27 -3.90 11.08
N ASP A 345 -16.20 -4.54 9.90
CA ASP A 345 -16.10 -6.00 9.90
C ASP A 345 -14.91 -6.47 10.75
N VAL A 346 -13.76 -5.78 10.66
CA VAL A 346 -12.62 -6.26 11.44
C VAL A 346 -12.94 -6.19 12.93
N LEU A 347 -13.68 -5.17 13.35
CA LEU A 347 -14.03 -5.06 14.76
C LEU A 347 -14.86 -6.26 15.18
N HIS A 348 -15.85 -6.62 14.36
CA HIS A 348 -16.69 -7.77 14.67
C HIS A 348 -15.89 -9.06 14.65
N TRP A 349 -14.92 -9.17 13.74
CA TRP A 349 -14.08 -10.36 13.73
C TRP A 349 -13.32 -10.50 15.04
N LEU A 350 -12.90 -9.38 15.62
CA LEU A 350 -12.13 -9.37 16.86
C LEU A 350 -13.04 -9.49 18.09
N GLY A 351 -14.38 -9.52 17.88
CA GLY A 351 -15.34 -9.59 18.98
C GLY A 351 -15.63 -8.25 19.61
N VAL A 352 -15.17 -7.16 19.01
CA VAL A 352 -15.28 -5.86 19.66
C VAL A 352 -16.74 -5.46 19.77
N ARG A 353 -17.13 -5.10 20.96
CA ARG A 353 -18.53 -4.89 21.15
C ARG A 353 -18.80 -3.49 21.69
N LYS A 354 -17.74 -2.74 21.99
CA LYS A 354 -17.78 -1.45 22.67
C LYS A 354 -16.41 -0.82 22.54
N ILE A 355 -16.38 0.45 22.18
CA ILE A 355 -15.12 1.20 22.14
C ILE A 355 -15.21 2.32 23.18
N HIS A 356 -14.45 2.19 24.28
CA HIS A 356 -14.48 3.24 25.31
C HIS A 356 -13.83 4.54 24.83
N ARG A 357 -12.75 4.45 24.06
CA ARG A 357 -12.08 5.64 23.53
C ARG A 357 -11.80 5.44 22.03
N LEU A 358 -12.55 6.14 21.17
CA LEU A 358 -12.35 6.11 19.73
C LEU A 358 -11.49 7.31 19.37
N VAL A 359 -10.25 7.05 18.95
CA VAL A 359 -9.27 8.12 18.66
C VAL A 359 -9.41 8.49 17.19
N SER A 360 -10.37 9.37 16.92
CA SER A 360 -10.90 9.59 15.56
C SER A 360 -12.00 10.65 15.63
N MET A 361 -12.26 11.34 14.54
CA MET A 361 -13.25 12.43 14.51
C MET A 361 -14.33 12.18 13.45
N SER A 362 -13.95 11.51 12.37
CA SER A 362 -14.80 11.30 11.20
C SER A 362 -16.20 10.86 11.60
N ASN A 363 -17.20 11.59 11.09
CA ASN A 363 -18.58 11.17 11.32
C ASN A 363 -18.94 9.97 10.47
N MET A 364 -18.26 9.79 9.33
CA MET A 364 -18.46 8.60 8.51
C MET A 364 -18.03 7.33 9.25
N LYS A 365 -16.84 7.33 9.85
CA LYS A 365 -16.42 6.15 10.62
C LYS A 365 -17.31 5.93 11.85
N TYR A 366 -17.62 7.02 12.58
CA TYR A 366 -18.42 6.91 13.79
C TYR A 366 -19.81 6.33 13.52
N ASP A 367 -20.47 6.82 12.46
CA ASP A 367 -21.80 6.30 12.10
C ASP A 367 -21.73 4.83 11.72
N ALA A 368 -20.70 4.44 10.96
CA ALA A 368 -20.56 3.05 10.56
C ALA A 368 -20.38 2.16 11.78
N ILE A 369 -19.45 2.53 12.66
CA ILE A 369 -19.17 1.70 13.83
C ILE A 369 -20.43 1.59 14.69
N THR A 370 -20.99 2.73 15.09
CA THR A 370 -22.16 2.71 15.95
C THR A 370 -23.37 2.14 15.22
N GLY A 371 -23.53 2.45 13.94
CA GLY A 371 -24.63 1.85 13.19
C GLY A 371 -24.56 0.33 13.15
N SER A 372 -23.37 -0.24 13.29
CA SER A 372 -23.19 -1.69 13.35
C SER A 372 -23.45 -2.27 14.74
N GLY A 373 -23.86 -1.44 15.73
CA GLY A 373 -24.18 -1.94 17.06
C GLY A 373 -23.13 -1.66 18.11
N ILE A 374 -21.97 -1.14 17.74
CA ILE A 374 -20.84 -1.01 18.66
C ILE A 374 -20.92 0.36 19.31
N GLU A 375 -21.09 0.38 20.63
CA GLU A 375 -21.11 1.62 21.39
C GLU A 375 -19.74 2.31 21.37
N VAL A 376 -19.76 3.62 21.16
CA VAL A 376 -18.57 4.44 21.27
C VAL A 376 -18.80 5.38 22.46
N VAL A 377 -17.93 5.30 23.46
CA VAL A 377 -18.18 6.10 24.66
C VAL A 377 -17.57 7.49 24.52
N GLU A 378 -16.25 7.58 24.42
CA GLU A 378 -15.54 8.84 24.32
C GLU A 378 -14.91 9.00 22.93
N ARG A 379 -15.13 10.14 22.29
CA ARG A 379 -14.49 10.44 21.03
C ARG A 379 -13.29 11.34 21.31
N VAL A 380 -12.12 10.94 20.84
CA VAL A 380 -10.87 11.61 21.18
C VAL A 380 -10.39 12.37 19.94
N ASP A 381 -10.58 13.68 19.94
CA ASP A 381 -10.24 14.50 18.79
C ASP A 381 -8.73 14.75 18.75
N LEU A 382 -8.25 15.20 17.61
CA LEU A 382 -6.82 15.38 17.45
C LEU A 382 -6.44 16.68 18.15
N PRO A 383 -5.52 16.66 19.11
CA PRO A 383 -5.20 17.92 19.80
C PRO A 383 -4.65 18.96 18.82
N ALA A 384 -5.09 20.21 19.03
CA ALA A 384 -4.71 21.30 18.11
C ALA A 384 -3.20 21.36 17.89
N ASP A 385 -2.39 21.10 18.92
CA ASP A 385 -0.96 21.30 18.74
C ASP A 385 -0.31 20.22 17.88
N LEU A 386 -1.04 19.16 17.49
CA LEU A 386 -0.49 18.15 16.60
C LEU A 386 -0.80 18.41 15.12
N ILE A 387 -1.63 19.39 14.82
CA ILE A 387 -1.96 19.65 13.41
C ILE A 387 -0.75 20.22 12.68
N PRO A 388 -0.25 19.60 11.62
CA PRO A 388 0.95 20.14 10.95
C PRO A 388 0.67 21.47 10.27
N ALA A 389 1.76 22.09 9.81
CA ALA A 389 1.73 23.50 9.41
C ALA A 389 0.85 23.76 8.20
N ASP A 390 0.68 22.80 7.29
CA ASP A 390 -0.23 23.05 6.17
C ASP A 390 -1.45 22.14 6.18
N ALA A 391 -1.86 21.68 7.36
CA ALA A 391 -3.03 20.82 7.52
C ALA A 391 -4.25 21.56 8.08
N ARG A 392 -4.23 22.90 8.12
CA ARG A 392 -5.39 23.63 8.65
C ARG A 392 -6.56 23.54 7.69
N VAL A 393 -6.29 23.70 6.40
CA VAL A 393 -7.36 23.63 5.41
C VAL A 393 -8.11 22.31 5.58
N GLU A 394 -7.37 21.20 5.66
CA GLU A 394 -8.00 19.87 5.78
C GLU A 394 -8.85 19.78 7.05
N ILE A 395 -8.24 20.05 8.20
CA ILE A 395 -8.97 19.75 9.42
C ILE A 395 -10.16 20.71 9.59
N ASP A 396 -10.04 21.96 9.12
CA ASP A 396 -11.17 22.91 9.23
C ASP A 396 -12.33 22.50 8.34
N ALA A 397 -12.02 22.12 7.09
CA ALA A 397 -13.05 21.62 6.19
C ALA A 397 -13.73 20.41 6.80
N LYS A 398 -12.95 19.51 7.41
CA LYS A 398 -13.52 18.29 7.97
C LYS A 398 -14.45 18.60 9.14
N MET A 399 -14.06 19.53 10.03
CA MET A 399 -14.95 19.90 11.13
C MET A 399 -16.21 20.58 10.62
N ALA A 400 -16.09 21.47 9.62
CA ALA A 400 -17.28 22.05 9.01
C ALA A 400 -18.19 20.97 8.39
N ALA A 401 -17.62 19.84 7.95
CA ALA A 401 -18.42 18.80 7.32
C ALA A 401 -19.05 17.86 8.34
N GLY A 402 -18.89 18.10 9.64
CA GLY A 402 -19.46 17.26 10.66
C GLY A 402 -18.49 16.38 11.42
N TYR A 403 -17.18 16.43 11.13
CA TYR A 403 -16.24 15.65 11.96
C TYR A 403 -16.35 16.13 13.42
N PHE A 404 -16.30 15.18 14.35
CA PHE A 404 -16.43 15.54 15.77
C PHE A 404 -15.36 16.54 16.17
N THR A 405 -15.78 17.57 16.93
CA THR A 405 -14.82 18.41 17.68
C THR A 405 -15.51 18.93 18.93
N PRO A 406 -14.79 19.06 20.05
CA PRO A 406 -15.40 19.67 21.25
C PRO A 406 -15.52 21.19 21.16
N GLY A 407 -14.72 21.84 20.33
CA GLY A 407 -14.64 23.28 20.27
C GLY A 407 -15.54 23.88 19.21
N ALA A 408 -15.14 25.06 18.73
CA ALA A 408 -15.94 25.78 17.76
C ALA A 408 -15.82 25.18 16.38
N VAL A 409 -16.94 25.01 15.70
CA VAL A 409 -16.94 24.60 14.29
C VAL A 409 -16.72 25.84 13.42
N PRO A 410 -15.75 25.81 12.50
CA PRO A 410 -15.53 26.99 11.64
C PRO A 410 -16.79 27.36 10.85
N ASP A 411 -17.14 28.65 10.88
CA ASP A 411 -18.27 29.13 10.10
C ASP A 411 -17.80 29.52 8.71
N ALA A 412 -18.75 29.95 7.86
CA ALA A 412 -18.42 30.25 6.47
C ALA A 412 -17.28 31.24 6.39
N ASP A 413 -17.24 32.20 7.32
CA ASP A 413 -16.23 33.25 7.25
C ASP A 413 -14.85 32.69 7.55
N GLU A 414 -14.73 31.87 8.60
CA GLU A 414 -13.44 31.26 8.87
C GLU A 414 -13.02 30.27 7.77
N LEU A 415 -13.99 29.63 7.10
CA LEU A 415 -13.64 28.68 6.05
C LEU A 415 -13.09 29.36 4.80
N ALA A 416 -13.38 30.64 4.60
CA ALA A 416 -12.90 31.37 3.43
C ALA A 416 -11.53 31.97 3.63
N LYS A 417 -10.96 31.92 4.83
CA LYS A 417 -9.57 32.31 5.00
C LYS A 417 -8.61 31.41 4.20
N VAL A 418 -7.70 32.05 3.46
CA VAL A 418 -6.65 31.34 2.72
C VAL A 418 -5.67 30.71 3.71
N LYS A 419 -6.01 29.55 4.27
CA LYS A 419 -5.10 29.00 5.26
C LYS A 419 -4.03 28.12 4.65
N GLY A 420 -4.10 27.83 3.36
CA GLY A 420 -3.16 26.91 2.73
C GLY A 420 -1.94 27.61 2.18
N ARG A 421 -0.78 27.00 2.37
CA ARG A 421 0.49 27.50 1.85
C ARG A 421 0.51 27.51 0.33
N GLU A 422 1.16 28.51 -0.24
CA GLU A 422 1.31 28.60 -1.69
C GLU A 422 2.18 27.47 -2.22
N LEU A 423 2.16 27.28 -3.54
CA LEU A 423 2.75 26.09 -4.15
C LEU A 423 4.22 25.90 -3.78
N ASP A 424 4.98 26.99 -3.65
CA ASP A 424 6.15 26.90 -2.77
C ASP A 424 6.15 28.08 -1.81
N GLY B 27 -19.23 7.00 -34.76
CA GLY B 27 -18.18 7.53 -33.92
C GLY B 27 -16.77 7.15 -34.38
N VAL B 28 -15.82 7.26 -33.47
CA VAL B 28 -14.43 6.96 -33.77
C VAL B 28 -14.06 5.66 -33.07
N GLY B 29 -13.16 4.91 -33.67
CA GLY B 29 -12.67 3.71 -33.05
C GLY B 29 -11.68 4.05 -31.94
N ALA B 30 -10.97 3.03 -31.51
CA ALA B 30 -9.96 3.21 -30.49
C ALA B 30 -8.65 3.66 -31.13
N LEU B 31 -8.03 4.68 -30.55
CA LEU B 31 -6.77 5.17 -31.08
C LEU B 31 -5.69 4.10 -30.97
N PRO B 32 -4.86 3.93 -31.99
CA PRO B 32 -3.78 2.93 -31.91
C PRO B 32 -2.69 3.35 -30.92
N ILE B 33 -1.94 2.38 -30.42
CA ILE B 33 -0.83 2.67 -29.52
C ILE B 33 0.42 2.07 -30.15
N HIS B 34 1.43 2.91 -30.34
CA HIS B 34 2.76 2.50 -30.82
C HIS B 34 3.72 2.73 -29.66
N TRP B 35 3.97 1.67 -28.89
CA TRP B 35 4.71 1.86 -27.67
C TRP B 35 6.13 2.32 -27.99
N GLY B 36 6.60 3.37 -27.31
CA GLY B 36 7.96 3.83 -27.49
C GLY B 36 8.21 4.67 -28.73
N ALA B 37 7.15 5.12 -29.39
CA ALA B 37 7.25 6.02 -30.53
C ALA B 37 7.93 7.34 -30.14
N PRO B 38 8.54 8.02 -31.12
CA PRO B 38 9.32 9.24 -30.80
C PRO B 38 8.51 10.40 -30.25
N THR B 39 7.21 10.49 -30.54
CA THR B 39 6.43 11.63 -30.09
C THR B 39 5.15 11.14 -29.42
N ALA B 40 4.56 12.01 -28.59
CA ALA B 40 3.31 11.66 -27.94
C ALA B 40 2.23 11.32 -28.97
N SER B 41 2.14 12.09 -30.05
CA SER B 41 1.10 11.86 -31.07
C SER B 41 1.23 10.50 -31.71
N GLU B 42 2.45 10.11 -32.05
CA GLU B 42 2.62 8.81 -32.65
C GLU B 42 2.44 7.71 -31.62
N ARG B 43 2.84 7.97 -30.37
CA ARG B 43 2.70 6.94 -29.35
C ARG B 43 1.22 6.58 -29.14
N GLY B 44 0.35 7.59 -29.10
CA GLY B 44 -1.05 7.36 -28.81
C GLY B 44 -1.33 7.42 -27.32
N PRO B 45 -2.50 7.95 -26.94
CA PRO B 45 -2.86 7.99 -25.52
C PRO B 45 -3.33 6.64 -25.02
N VAL B 46 -3.03 6.37 -23.75
CA VAL B 46 -3.64 5.25 -23.04
C VAL B 46 -5.06 5.65 -22.67
N VAL B 47 -6.05 4.99 -23.29
CA VAL B 47 -7.47 5.21 -22.98
C VAL B 47 -7.96 4.03 -22.15
N GLY B 48 -7.91 4.18 -20.83
CA GLY B 48 -8.27 3.11 -19.92
C GLY B 48 -9.52 3.41 -19.14
N THR B 49 -10.22 4.48 -19.47
CA THR B 49 -11.48 4.80 -18.86
C THR B 49 -12.57 3.89 -19.44
N THR B 50 -13.77 4.00 -18.88
CA THR B 50 -14.90 3.18 -19.27
C THR B 50 -16.11 4.02 -19.63
N THR B 51 -15.94 5.32 -19.84
CA THR B 51 -17.08 6.11 -20.25
C THR B 51 -17.51 5.75 -21.67
N ASN B 52 -16.57 5.35 -22.53
CA ASN B 52 -16.92 4.88 -23.86
C ASN B 52 -16.13 3.61 -24.14
N ARG B 53 -16.82 2.48 -24.22
CA ARG B 53 -16.08 1.23 -24.46
C ARG B 53 -15.42 1.23 -25.82
N ALA B 54 -16.01 1.88 -26.82
CA ALA B 54 -15.40 1.83 -28.15
C ALA B 54 -14.02 2.49 -28.20
N HIS B 55 -13.72 3.39 -27.26
CA HIS B 55 -12.45 4.10 -27.30
C HIS B 55 -11.34 3.39 -26.54
N ARG B 56 -11.69 2.40 -25.70
CA ARG B 56 -10.69 1.75 -24.86
C ARG B 56 -9.66 1.07 -25.73
N ASN B 57 -8.38 1.29 -25.43
CA ASN B 57 -7.33 0.67 -26.23
C ASN B 57 -6.31 -0.05 -25.36
N VAL B 58 -6.70 -0.47 -24.16
CA VAL B 58 -5.86 -1.21 -23.23
C VAL B 58 -6.69 -2.25 -22.50
N ILE B 59 -6.02 -3.15 -21.79
CA ILE B 59 -6.67 -4.05 -20.83
C ILE B 59 -6.58 -3.42 -19.45
N GLY B 60 -7.69 -3.41 -18.73
CA GLY B 60 -7.70 -2.86 -17.38
C GLY B 60 -8.14 -1.40 -17.33
N THR B 61 -8.07 -0.86 -16.10
CA THR B 61 -8.48 0.50 -15.80
C THR B 61 -7.46 1.15 -14.87
N HIS B 62 -7.61 2.46 -14.69
CA HIS B 62 -6.68 3.30 -13.93
C HIS B 62 -6.78 3.07 -12.43
N SER B 63 -5.75 3.53 -11.71
CA SER B 63 -5.75 3.68 -10.25
C SER B 63 -5.33 2.40 -9.51
N GLY B 64 -4.71 1.46 -10.20
CA GLY B 64 -4.26 0.24 -9.54
C GLY B 64 -5.43 -0.46 -8.89
N SER B 65 -5.24 -0.84 -7.63
CA SER B 65 -6.31 -1.48 -6.84
C SER B 65 -7.58 -0.66 -6.80
N TYR B 66 -7.51 0.65 -7.02
CA TYR B 66 -8.63 1.47 -6.56
C TYR B 66 -9.78 1.49 -7.57
N SER B 67 -9.64 0.80 -8.71
CA SER B 67 -10.79 0.66 -9.60
C SER B 67 -11.90 -0.12 -8.92
N ILE B 68 -11.55 -1.02 -7.99
CA ILE B 68 -12.59 -1.77 -7.29
C ILE B 68 -13.49 -0.83 -6.47
N TYR B 69 -12.87 0.17 -5.83
CA TYR B 69 -13.61 1.12 -5.02
C TYR B 69 -14.42 2.04 -5.91
N ARG B 70 -13.84 2.50 -7.02
CA ARG B 70 -14.61 3.25 -8.01
C ARG B 70 -15.86 2.47 -8.43
N ALA B 71 -15.69 1.19 -8.74
CA ALA B 71 -16.85 0.36 -9.07
C ALA B 71 -17.88 0.39 -7.94
N LEU B 72 -17.44 0.18 -6.70
CA LEU B 72 -18.36 0.28 -5.57
C LEU B 72 -19.08 1.62 -5.55
N ALA B 73 -18.34 2.72 -5.75
CA ALA B 73 -18.97 4.03 -5.76
C ALA B 73 -20.04 4.13 -6.86
N VAL B 74 -19.81 3.49 -8.02
CA VAL B 74 -20.83 3.53 -9.07
C VAL B 74 -22.00 2.64 -8.69
N ALA B 75 -21.73 1.43 -8.16
CA ALA B 75 -22.82 0.51 -7.79
C ALA B 75 -23.73 1.12 -6.74
N SER B 76 -23.15 1.81 -5.76
CA SER B 76 -23.90 2.44 -4.68
C SER B 76 -24.68 3.67 -5.14
N GLY B 77 -24.42 4.16 -6.34
CA GLY B 77 -25.07 5.36 -6.82
C GLY B 77 -24.39 6.64 -6.41
N ALA B 78 -23.26 6.58 -5.71
CA ALA B 78 -22.54 7.79 -5.31
C ALA B 78 -21.79 8.44 -6.47
N LEU B 79 -21.35 7.66 -7.45
CA LEU B 79 -20.56 8.16 -8.57
C LEU B 79 -21.28 7.82 -9.87
N SER B 80 -21.44 8.84 -10.71
CA SER B 80 -21.99 8.63 -12.03
C SER B 80 -20.98 7.91 -12.94
N ARG B 81 -21.46 6.92 -13.71
CA ARG B 81 -20.56 6.21 -14.63
C ARG B 81 -20.20 7.06 -15.82
N HIS B 82 -20.77 8.26 -15.93
CA HIS B 82 -20.44 9.19 -17.00
C HIS B 82 -19.47 10.24 -16.54
N HIS B 83 -19.08 10.23 -15.26
CA HIS B 83 -18.20 11.27 -14.77
C HIS B 83 -16.85 11.21 -15.48
N LYS B 84 -16.34 12.38 -15.81
CA LYS B 84 -15.00 12.56 -16.36
C LYS B 84 -14.28 13.62 -15.55
N ALA B 85 -12.97 13.42 -15.39
CA ALA B 85 -12.18 14.32 -14.55
C ALA B 85 -12.11 15.72 -15.16
N ASP B 86 -12.26 16.72 -14.30
CA ASP B 86 -11.86 18.09 -14.64
C ASP B 86 -10.39 18.22 -14.25
N LEU B 87 -9.50 18.17 -15.24
CA LEU B 87 -8.07 18.24 -14.98
C LEU B 87 -7.54 19.66 -14.81
N THR B 88 -8.41 20.67 -14.79
CA THR B 88 -7.98 22.06 -14.60
C THR B 88 -7.03 22.19 -13.41
N ASP B 89 -5.84 22.75 -13.67
CA ASP B 89 -4.89 23.09 -12.62
C ASP B 89 -4.19 21.88 -12.01
N THR B 90 -4.31 20.70 -12.60
CA THR B 90 -3.68 19.49 -12.06
C THR B 90 -2.28 19.25 -12.62
N ALA B 91 -1.85 20.02 -13.62
CA ALA B 91 -0.62 19.68 -14.35
C ALA B 91 0.59 19.60 -13.42
N PRO B 92 1.62 18.86 -13.82
CA PRO B 92 2.84 18.74 -12.99
C PRO B 92 3.36 20.07 -12.49
N THR B 93 3.84 20.06 -11.23
CA THR B 93 4.53 21.23 -10.69
C THR B 93 5.92 21.39 -11.24
N ASN B 94 6.52 20.30 -11.74
CA ASN B 94 7.84 20.31 -12.34
C ASN B 94 7.80 19.60 -13.67
N ILE B 95 8.48 20.17 -14.66
CA ILE B 95 8.52 19.56 -15.99
C ILE B 95 9.52 18.42 -15.98
N ILE B 96 9.04 17.21 -16.19
CA ILE B 96 9.92 16.04 -16.25
C ILE B 96 9.93 15.53 -17.68
N GLY B 97 11.09 15.61 -18.33
CA GLY B 97 11.23 15.11 -19.68
C GLY B 97 10.53 16.05 -20.64
N PRO B 98 10.26 15.59 -21.88
CA PRO B 98 10.57 14.26 -22.41
C PRO B 98 12.09 14.04 -22.48
N TYR B 99 12.53 12.80 -22.44
CA TYR B 99 13.93 12.42 -22.57
C TYR B 99 14.02 11.33 -23.62
N PRO B 100 15.20 11.15 -24.25
CA PRO B 100 15.37 10.08 -25.25
C PRO B 100 14.93 8.72 -24.76
N GLN B 101 15.15 8.44 -23.48
CA GLN B 101 14.75 7.14 -22.94
C GLN B 101 13.25 6.88 -23.13
N TRP B 102 12.43 7.93 -23.20
CA TRP B 102 10.99 7.72 -23.40
C TRP B 102 10.67 7.01 -24.71
N SER B 103 11.59 7.01 -25.68
CA SER B 103 11.33 6.33 -26.94
C SER B 103 12.43 5.34 -27.29
N GLN B 104 13.27 4.97 -26.33
CA GLN B 104 14.22 3.94 -26.75
C GLN B 104 13.55 2.58 -26.66
N PRO B 105 13.76 1.71 -27.65
CA PRO B 105 13.04 0.43 -27.70
C PRO B 105 13.27 -0.38 -26.44
N GLY B 106 12.16 -0.77 -25.79
CA GLY B 106 12.19 -1.65 -24.64
C GLY B 106 12.77 -1.06 -23.38
N LYS B 107 13.03 0.24 -23.35
CA LYS B 107 13.65 0.87 -22.19
C LYS B 107 12.65 1.09 -21.04
N ILE B 108 11.42 1.50 -21.35
CA ILE B 108 10.41 1.78 -20.34
C ILE B 108 9.16 0.98 -20.73
N VAL B 109 8.85 -0.08 -19.99
CA VAL B 109 7.76 -0.98 -20.36
C VAL B 109 6.71 -1.12 -19.26
N SER B 110 6.91 -0.49 -18.10
CA SER B 110 6.00 -0.71 -16.98
C SER B 110 5.39 0.59 -16.46
N LEU B 111 5.64 1.71 -17.14
CA LEU B 111 4.91 2.94 -16.87
C LEU B 111 4.78 3.68 -18.18
N ASP B 112 3.86 4.63 -18.20
CA ASP B 112 3.62 5.39 -19.41
C ASP B 112 4.43 6.68 -19.31
N PRO B 113 5.45 6.87 -20.12
CA PRO B 113 6.24 8.11 -19.99
C PRO B 113 5.43 9.38 -20.21
N TRP B 114 4.36 9.33 -21.00
CA TRP B 114 3.49 10.49 -21.24
C TRP B 114 2.41 10.61 -20.17
N GLY B 115 2.44 9.75 -19.16
CA GLY B 115 1.31 9.65 -18.27
C GLY B 115 1.11 10.86 -17.39
N ALA B 116 2.15 11.70 -17.22
CA ALA B 116 2.01 12.88 -16.36
C ALA B 116 1.46 14.07 -17.11
N THR B 117 1.52 14.06 -18.44
CA THR B 117 1.26 15.25 -19.26
C THR B 117 0.15 15.03 -20.30
N VAL B 118 -0.75 14.07 -20.09
CA VAL B 118 -1.79 13.79 -21.08
C VAL B 118 -2.56 15.05 -21.42
N ALA B 119 -2.88 15.88 -20.42
CA ALA B 119 -3.72 17.03 -20.71
C ALA B 119 -3.06 17.95 -21.74
N GLU B 120 -1.73 18.02 -21.72
CA GLU B 120 -1.01 18.86 -22.65
C GLU B 120 -0.81 18.12 -23.98
N VAL B 121 -0.20 16.94 -23.93
CA VAL B 121 0.25 16.29 -25.16
C VAL B 121 -0.84 15.52 -25.87
N PHE B 122 -1.99 15.26 -25.22
CA PHE B 122 -3.14 14.67 -25.89
C PHE B 122 -4.33 15.63 -25.80
N ALA B 123 -4.04 16.93 -25.76
CA ALA B 123 -5.12 17.92 -25.75
C ALA B 123 -6.07 17.72 -26.91
N ALA B 124 -5.53 17.36 -28.08
CA ALA B 124 -6.35 17.16 -29.26
C ALA B 124 -7.32 16.00 -29.05
N GLU B 125 -6.77 14.83 -28.70
CA GLU B 125 -7.57 13.63 -28.53
C GLU B 125 -8.61 13.82 -27.43
N LEU B 126 -8.25 14.46 -26.32
CA LEU B 126 -9.27 14.82 -25.33
C LEU B 126 -10.40 15.59 -25.99
N ALA B 127 -10.07 16.53 -26.87
CA ALA B 127 -11.09 17.38 -27.47
C ALA B 127 -11.91 16.64 -28.52
N ALA B 128 -11.29 15.69 -29.23
CA ALA B 128 -12.03 14.76 -30.07
C ALA B 128 -12.92 13.79 -29.28
N GLY B 129 -12.97 13.87 -27.94
CA GLY B 129 -13.87 13.07 -27.12
C GLY B 129 -13.28 11.81 -26.50
N HIS B 130 -11.96 11.61 -26.57
CA HIS B 130 -11.33 10.48 -25.90
C HIS B 130 -11.09 10.85 -24.45
N ASP B 131 -11.77 10.13 -23.55
CA ASP B 131 -11.68 10.31 -22.09
C ASP B 131 -10.36 9.70 -21.60
N ILE B 132 -9.35 10.53 -21.40
CA ILE B 132 -7.98 10.10 -21.14
C ILE B 132 -7.58 10.56 -19.75
N ARG B 133 -7.14 9.60 -18.89
CA ARG B 133 -6.72 10.01 -17.53
C ARG B 133 -5.20 10.02 -17.39
N PRO B 134 -4.64 10.90 -16.57
CA PRO B 134 -3.21 10.76 -16.20
C PRO B 134 -2.99 9.49 -15.40
N SER B 135 -1.84 8.86 -15.62
CA SER B 135 -1.38 7.79 -14.78
C SER B 135 -0.22 8.25 -13.89
N ILE B 136 0.14 9.53 -13.96
CA ILE B 136 1.19 10.16 -13.17
C ILE B 136 0.73 11.55 -12.74
N ALA B 137 1.04 11.90 -11.48
CA ALA B 137 0.78 13.23 -10.93
C ALA B 137 2.05 13.69 -10.22
N VAL B 138 2.39 14.96 -10.43
CA VAL B 138 3.62 15.55 -9.93
C VAL B 138 3.26 16.79 -9.12
N THR B 139 3.56 16.77 -7.82
CA THR B 139 3.30 17.92 -6.97
C THR B 139 4.48 18.22 -6.05
N LYS B 140 4.30 19.08 -5.06
CA LYS B 140 5.38 19.46 -4.16
C LYS B 140 4.97 19.26 -2.72
N ALA B 141 5.95 19.19 -1.82
CA ALA B 141 5.57 19.02 -0.43
C ALA B 141 6.70 19.43 0.49
N HIS B 142 6.35 19.60 1.78
CA HIS B 142 7.28 19.72 2.90
C HIS B 142 7.13 18.44 3.70
N VAL B 143 8.17 17.60 3.69
CA VAL B 143 8.14 16.35 4.44
C VAL B 143 8.96 16.55 5.70
N ILE B 144 8.38 16.14 6.83
CA ILE B 144 8.94 16.32 8.15
C ILE B 144 9.01 14.93 8.77
N LEU B 145 10.18 14.36 8.78
CA LEU B 145 10.41 13.04 9.34
C LEU B 145 11.09 13.18 10.72
N PRO B 146 10.67 12.44 11.75
CA PRO B 146 11.33 12.55 13.06
C PRO B 146 12.81 12.25 12.98
N GLU B 147 13.21 11.28 12.15
CA GLU B 147 14.64 10.96 12.05
C GLU B 147 15.42 12.15 11.48
N VAL B 148 14.79 12.97 10.65
CA VAL B 148 15.46 14.17 10.14
C VAL B 148 15.55 15.24 11.22
N MET B 149 14.45 15.44 11.98
CA MET B 149 14.55 16.34 13.13
C MET B 149 15.69 15.91 14.05
N GLU B 150 15.81 14.61 14.32
CA GLU B 150 16.89 14.18 15.20
C GLU B 150 18.25 14.37 14.55
N ALA B 151 18.36 14.10 13.25
CA ALA B 151 19.62 14.39 12.56
C ALA B 151 20.04 15.85 12.82
N ILE B 152 19.07 16.78 12.80
CA ILE B 152 19.42 18.17 13.08
C ILE B 152 19.89 18.35 14.53
N GLN B 153 19.17 17.75 15.50
CA GLN B 153 19.58 17.87 16.90
C GLN B 153 21.00 17.35 17.10
N LYS B 154 21.36 16.23 16.47
CA LYS B 154 22.68 15.61 16.59
C LYS B 154 23.74 16.28 15.72
N GLY B 155 23.37 17.25 14.89
CA GLY B 155 24.37 17.85 14.02
C GLY B 155 24.77 17.03 12.82
N ARG B 156 24.01 15.98 12.47
CA ARG B 156 24.21 15.32 11.18
C ARG B 156 23.70 16.20 10.03
N LEU B 157 22.67 17.00 10.28
CA LEU B 157 22.11 17.88 9.27
C LEU B 157 22.04 19.28 9.86
N HIS B 158 22.09 20.28 8.97
CA HIS B 158 22.01 21.69 9.34
C HIS B 158 21.03 22.38 8.40
N PRO B 159 20.00 23.05 8.91
CA PRO B 159 19.06 23.73 8.02
C PRO B 159 19.76 24.80 7.20
N ASP B 160 19.35 24.93 5.94
CA ASP B 160 19.87 25.96 5.08
C ASP B 160 18.81 26.97 4.67
N GLY B 161 17.54 26.72 4.97
CA GLY B 161 16.48 27.61 4.57
C GLY B 161 15.88 27.33 3.21
N ARG B 162 16.54 26.55 2.36
CA ARG B 162 16.09 26.31 0.99
C ARG B 162 15.71 24.86 0.73
N PHE B 163 16.57 23.91 1.10
CA PHE B 163 16.25 22.48 1.02
C PHE B 163 15.73 21.92 2.32
N LEU B 164 16.27 22.39 3.44
CA LEU B 164 15.93 21.93 4.77
C LEU B 164 15.67 23.16 5.63
N LEU B 165 14.48 23.23 6.23
CA LEU B 165 14.05 24.29 7.12
C LEU B 165 14.46 23.98 8.56
N PRO B 166 14.58 25.02 9.40
CA PRO B 166 14.87 24.76 10.83
C PRO B 166 13.83 23.87 11.51
N SER B 167 12.59 23.88 11.00
CA SER B 167 11.58 22.94 11.49
C SER B 167 11.95 21.50 11.22
N GLY B 168 12.92 21.22 10.37
CA GLY B 168 13.14 19.85 9.92
C GLY B 168 12.42 19.50 8.64
N ALA B 169 11.55 20.38 8.15
CA ALA B 169 10.88 20.14 6.88
C ALA B 169 11.89 20.16 5.75
N ALA B 170 11.84 19.14 4.90
CA ALA B 170 12.56 19.14 3.63
C ALA B 170 11.61 19.42 2.49
N LEU B 171 12.06 20.25 1.55
CA LEU B 171 11.25 20.60 0.39
C LEU B 171 11.49 19.57 -0.67
N VAL B 172 10.41 18.95 -1.17
CA VAL B 172 10.52 17.93 -2.19
C VAL B 172 9.53 18.18 -3.31
N THR B 173 9.89 17.68 -4.48
CA THR B 173 8.94 17.33 -5.52
C THR B 173 8.63 15.86 -5.38
N LYS B 174 7.35 15.50 -5.52
CA LYS B 174 6.96 14.09 -5.45
C LYS B 174 6.03 13.76 -6.60
N ALA B 175 6.22 12.57 -7.17
CA ALA B 175 5.48 12.07 -8.31
C ALA B 175 4.88 10.70 -7.99
N ALA B 176 3.57 10.59 -8.12
CA ALA B 176 2.87 9.34 -7.99
C ALA B 176 2.75 8.72 -9.38
N ILE B 177 3.27 7.51 -9.53
CA ILE B 177 3.30 6.84 -10.81
C ILE B 177 2.50 5.55 -10.68
N GLU B 178 1.44 5.40 -11.51
CA GLU B 178 0.66 4.17 -11.51
C GLU B 178 1.07 3.30 -12.69
N PRO B 179 0.87 2.00 -12.60
CA PRO B 179 1.53 1.09 -13.54
C PRO B 179 0.80 1.06 -14.88
N VAL B 180 1.60 1.06 -15.95
CA VAL B 180 1.09 0.87 -17.31
C VAL B 180 2.06 -0.07 -18.01
N TRP B 181 1.63 -1.28 -18.34
CA TRP B 181 2.53 -2.30 -18.81
C TRP B 181 2.42 -2.50 -20.31
N HIS B 182 3.56 -2.47 -21.01
CA HIS B 182 3.57 -2.89 -22.40
C HIS B 182 3.90 -4.38 -22.39
N LEU B 183 2.89 -5.21 -22.62
CA LEU B 183 3.07 -6.65 -22.51
C LEU B 183 4.21 -7.21 -23.36
N PRO B 184 4.39 -6.84 -24.65
CA PRO B 184 5.56 -7.37 -25.36
C PRO B 184 6.88 -6.96 -24.71
N GLY B 185 6.98 -5.70 -24.28
CA GLY B 185 8.19 -5.25 -23.61
C GLY B 185 8.40 -5.92 -22.27
N VAL B 186 7.33 -6.06 -21.49
CA VAL B 186 7.47 -6.78 -20.21
C VAL B 186 7.94 -8.20 -20.46
N ALA B 187 7.37 -8.87 -21.47
CA ALA B 187 7.70 -10.28 -21.69
C ALA B 187 9.18 -10.43 -22.02
N GLU B 188 9.69 -9.57 -22.91
CA GLU B 188 11.09 -9.58 -23.29
C GLU B 188 11.97 -9.38 -22.07
N ARG B 189 11.64 -8.37 -21.26
CA ARG B 189 12.35 -8.09 -20.03
C ARG B 189 12.48 -9.34 -19.16
N PHE B 190 11.55 -10.29 -19.25
CA PHE B 190 11.59 -11.51 -18.47
C PHE B 190 12.06 -12.70 -19.29
N HIS B 191 12.58 -12.47 -20.49
CA HIS B 191 13.01 -13.55 -21.37
C HIS B 191 11.95 -14.65 -21.50
N CYS B 192 10.69 -14.24 -21.72
CA CYS B 192 9.70 -15.23 -22.12
C CYS B 192 8.84 -14.66 -23.25
N SER B 193 8.14 -15.56 -23.93
CA SER B 193 7.28 -15.11 -25.00
C SER B 193 6.11 -14.30 -24.43
N GLU B 194 5.64 -13.35 -25.23
CA GLU B 194 4.49 -12.55 -24.87
C GLU B 194 3.27 -13.42 -24.64
N THR B 195 3.08 -14.44 -25.49
CA THR B 195 1.86 -15.21 -25.28
C THR B 195 1.98 -16.09 -24.05
N ASP B 196 3.19 -16.56 -23.71
CA ASP B 196 3.36 -17.28 -22.44
C ASP B 196 3.08 -16.36 -21.25
N LEU B 197 3.63 -15.15 -21.27
CA LEU B 197 3.39 -14.20 -20.19
C LEU B 197 1.90 -13.95 -20.01
N ARG B 198 1.17 -13.75 -21.11
CA ARG B 198 -0.23 -13.38 -21.01
C ARG B 198 -1.09 -14.56 -20.60
N ARG B 199 -0.77 -15.75 -21.09
CA ARG B 199 -1.50 -16.92 -20.58
C ARG B 199 -1.28 -17.10 -19.07
N VAL B 200 -0.05 -16.93 -18.59
CA VAL B 200 0.24 -17.17 -17.18
C VAL B 200 -0.40 -16.09 -16.32
N LEU B 201 -0.33 -14.82 -16.75
CA LEU B 201 -1.06 -13.77 -16.03
C LEU B 201 -2.53 -14.16 -15.90
N PHE B 202 -3.13 -14.62 -17.00
CA PHE B 202 -4.54 -15.04 -16.96
C PHE B 202 -4.76 -16.18 -15.97
N GLU B 203 -3.96 -17.24 -16.07
CA GLU B 203 -4.18 -18.45 -15.28
C GLU B 203 -3.93 -18.21 -13.80
N GLU B 204 -2.79 -17.59 -13.48
CA GLU B 204 -2.34 -17.50 -12.10
C GLU B 204 -3.11 -16.44 -11.32
N THR B 205 -3.84 -15.57 -11.98
CA THR B 205 -4.77 -14.69 -11.29
C THR B 205 -6.17 -15.27 -11.20
N GLY B 206 -6.37 -16.54 -11.55
CA GLY B 206 -7.71 -17.08 -11.62
C GLY B 206 -8.59 -16.49 -12.70
N GLY B 207 -8.01 -16.06 -13.82
CA GLY B 207 -8.77 -15.55 -14.96
C GLY B 207 -9.13 -14.08 -14.91
N MET B 208 -8.23 -13.23 -14.37
CA MET B 208 -8.60 -11.84 -14.04
C MET B 208 -9.19 -11.07 -15.24
N TYR B 209 -8.47 -11.09 -16.35
CA TYR B 209 -8.81 -10.32 -17.55
C TYR B 209 -8.69 -11.24 -18.76
N PRO B 210 -9.77 -11.85 -19.24
CA PRO B 210 -9.64 -12.78 -20.37
C PRO B 210 -9.00 -12.15 -21.58
N GLU B 211 -9.06 -10.81 -21.72
CA GLU B 211 -8.46 -10.16 -22.88
C GLU B 211 -6.98 -10.46 -22.99
N LEU B 212 -6.34 -10.82 -21.87
CA LEU B 212 -4.95 -11.23 -21.91
C LEU B 212 -4.74 -12.34 -22.93
N VAL B 213 -5.69 -13.27 -23.02
CA VAL B 213 -5.57 -14.35 -23.99
C VAL B 213 -6.54 -14.19 -25.16
N THR B 214 -7.47 -13.27 -25.07
CA THR B 214 -8.54 -13.20 -26.05
C THR B 214 -8.36 -12.03 -27.01
N ARG B 215 -7.48 -11.07 -26.67
CA ARG B 215 -7.31 -9.82 -27.40
C ARG B 215 -5.82 -9.60 -27.63
N SER B 216 -5.24 -10.43 -28.49
CA SER B 216 -3.81 -10.28 -28.74
C SER B 216 -3.49 -8.96 -29.41
N ASP B 217 -4.50 -8.27 -29.96
CA ASP B 217 -4.27 -6.95 -30.55
C ASP B 217 -4.02 -5.89 -29.49
N LEU B 218 -4.55 -6.04 -28.26
CA LEU B 218 -4.27 -5.07 -27.22
C LEU B 218 -2.91 -5.38 -26.61
N GLU B 219 -1.98 -4.44 -26.67
CA GLU B 219 -0.63 -4.66 -26.16
C GLU B 219 -0.42 -4.13 -24.74
N VAL B 220 -1.28 -3.22 -24.28
CA VAL B 220 -1.05 -2.46 -23.05
C VAL B 220 -2.04 -2.90 -21.98
N PHE B 221 -1.53 -3.06 -20.74
CA PHE B 221 -2.25 -3.66 -19.62
C PHE B 221 -2.07 -2.75 -18.41
N LEU B 222 -3.19 -2.35 -17.82
CA LEU B 222 -3.25 -1.54 -16.60
C LEU B 222 -3.55 -2.50 -15.45
N PRO B 223 -2.55 -3.00 -14.75
CA PRO B 223 -2.80 -4.07 -13.76
C PRO B 223 -3.32 -3.46 -12.47
N PRO B 224 -4.09 -4.23 -11.67
CA PRO B 224 -4.64 -3.67 -10.42
C PRO B 224 -3.66 -3.77 -9.27
N ILE B 225 -2.53 -3.08 -9.40
CA ILE B 225 -1.44 -3.14 -8.43
C ILE B 225 -1.00 -1.72 -8.08
N GLY B 226 -0.26 -1.60 -6.99
CA GLY B 226 0.23 -0.30 -6.59
C GLY B 226 1.35 0.14 -7.51
N GLY B 227 1.60 1.44 -7.51
CA GLY B 227 2.65 1.92 -8.37
C GLY B 227 3.86 2.24 -7.53
N GLN B 228 4.29 3.49 -7.61
CA GLN B 228 5.39 3.98 -6.81
C GLN B 228 5.24 5.48 -6.69
N THR B 229 6.00 6.06 -5.75
CA THR B 229 6.07 7.50 -5.56
C THR B 229 7.54 7.90 -5.54
N VAL B 230 7.92 8.90 -6.33
CA VAL B 230 9.31 9.34 -6.32
C VAL B 230 9.37 10.64 -5.56
N TYR B 231 10.35 10.74 -4.66
CA TYR B 231 10.61 11.93 -3.88
C TYR B 231 11.93 12.51 -4.41
N ILE B 232 11.89 13.75 -4.87
CA ILE B 232 13.04 14.39 -5.49
C ILE B 232 13.49 15.54 -4.61
N PHE B 233 14.75 15.51 -4.20
CA PHE B 233 15.35 16.57 -3.39
C PHE B 233 16.27 17.39 -4.29
N GLY B 234 15.94 18.67 -4.49
CA GLY B 234 16.56 19.47 -5.53
C GLY B 234 15.71 19.61 -6.79
N ASP B 235 16.35 19.70 -7.95
CA ASP B 235 15.66 20.00 -9.20
C ASP B 235 15.55 18.75 -10.07
N ALA B 236 14.31 18.32 -10.34
CA ALA B 236 14.09 17.13 -11.15
C ALA B 236 14.87 17.17 -12.45
N ARG B 237 15.05 18.35 -13.08
CA ARG B 237 15.82 18.38 -14.32
C ARG B 237 17.26 17.92 -14.09
N ASP B 238 17.79 18.08 -12.88
CA ASP B 238 19.18 17.64 -12.67
C ASP B 238 19.32 16.12 -12.74
N LEU B 239 18.22 15.37 -12.52
CA LEU B 239 18.30 13.92 -12.63
C LEU B 239 18.80 13.50 -13.99
N ALA B 240 18.54 14.32 -15.01
CA ALA B 240 18.94 13.99 -16.37
C ALA B 240 20.33 14.51 -16.71
N ASP B 241 21.04 15.05 -15.72
CA ASP B 241 22.36 15.66 -15.91
C ASP B 241 23.37 14.85 -15.10
N PRO B 242 24.12 13.93 -15.71
CA PRO B 242 25.08 13.12 -14.94
C PRO B 242 26.22 13.92 -14.38
N GLY B 243 26.35 15.20 -14.74
CA GLY B 243 27.32 16.03 -14.07
C GLY B 243 26.84 16.56 -12.74
N VAL B 244 25.59 16.29 -12.36
CA VAL B 244 25.10 16.66 -11.05
C VAL B 244 25.06 15.41 -10.20
N GLU B 245 25.61 15.50 -9.00
CA GLU B 245 25.76 14.33 -8.15
C GLU B 245 24.40 13.84 -7.71
N LEU B 246 24.08 12.60 -8.07
CA LEU B 246 22.79 12.02 -7.73
C LEU B 246 22.98 11.02 -6.58
N THR B 247 22.24 11.23 -5.50
CA THR B 247 22.10 10.24 -4.43
C THR B 247 20.71 9.63 -4.57
N ALA B 248 20.62 8.29 -4.56
CA ALA B 248 19.33 7.65 -4.84
C ALA B 248 19.16 6.35 -4.04
N ARG B 249 17.91 6.05 -3.69
CA ARG B 249 17.47 4.76 -3.14
C ARG B 249 16.16 4.39 -3.82
N VAL B 250 16.04 3.13 -4.25
CA VAL B 250 14.74 2.54 -4.57
C VAL B 250 14.36 1.65 -3.40
N HIS B 251 13.29 2.03 -2.71
CA HIS B 251 12.86 1.39 -1.47
C HIS B 251 11.60 0.60 -1.75
N ASP B 252 11.56 -0.67 -1.34
CA ASP B 252 10.32 -1.43 -1.52
C ASP B 252 9.48 -1.39 -0.24
N GLU B 253 8.18 -1.11 -0.39
CA GLU B 253 7.26 -0.93 0.74
C GLU B 253 7.39 -2.01 1.82
N CYS B 254 7.50 -1.57 3.09
CA CYS B 254 7.38 -2.46 4.24
C CYS B 254 6.56 -1.69 5.27
N ASN B 255 5.23 -1.92 5.26
CA ASN B 255 4.36 -1.10 6.11
C ASN B 255 4.75 -1.23 7.57
N GLY B 256 5.09 -2.45 8.01
CA GLY B 256 5.27 -2.71 9.42
C GLY B 256 6.51 -2.06 9.97
N SER B 257 7.40 -1.61 9.10
CA SER B 257 8.55 -0.80 9.50
C SER B 257 8.41 0.63 9.02
N ASP B 258 8.25 0.81 7.70
CA ASP B 258 8.15 2.15 7.13
C ASP B 258 7.17 3.00 7.89
N VAL B 259 6.04 2.43 8.33
CA VAL B 259 5.09 3.16 9.19
C VAL B 259 5.30 2.82 10.67
N PHE B 260 5.23 1.53 11.01
CA PHE B 260 5.05 1.13 12.42
C PHE B 260 6.35 0.83 13.16
N GLY B 261 7.51 0.85 12.47
CA GLY B 261 8.81 0.73 13.12
C GLY B 261 9.08 -0.57 13.84
N SER B 262 8.57 -1.71 13.37
CA SER B 262 8.96 -2.98 13.97
C SER B 262 10.47 -3.17 13.90
N ASP B 263 11.06 -3.66 14.99
CA ASP B 263 12.52 -3.78 15.06
C ASP B 263 13.05 -5.10 14.48
N ILE B 264 12.21 -5.83 13.72
CA ILE B 264 12.70 -7.04 13.05
C ILE B 264 13.43 -6.80 11.72
N CYS B 265 13.37 -5.59 11.15
CA CYS B 265 13.91 -5.44 9.81
C CYS B 265 14.53 -4.06 9.65
N THR B 266 15.29 -3.88 8.58
CA THR B 266 16.05 -2.65 8.43
C THR B 266 15.34 -1.56 7.66
N CYS B 267 14.09 -1.76 7.23
CA CYS B 267 13.53 -0.93 6.18
C CYS B 267 13.48 0.56 6.49
N ARG B 268 12.66 1.00 7.44
CA ARG B 268 12.61 2.44 7.70
C ARG B 268 13.98 3.02 8.04
N PRO B 269 14.81 2.40 8.87
CA PRO B 269 16.16 2.97 9.04
C PRO B 269 16.87 3.20 7.73
N TYR B 270 16.76 2.25 6.76
CA TYR B 270 17.42 2.47 5.48
C TYR B 270 16.74 3.60 4.72
N LEU B 271 15.39 3.63 4.72
CA LEU B 271 14.67 4.69 4.02
C LEU B 271 15.09 6.05 4.52
N THR B 272 15.06 6.26 5.85
CA THR B 272 15.32 7.58 6.43
C THR B 272 16.79 7.93 6.38
N HIS B 273 17.69 6.94 6.49
CA HIS B 273 19.11 7.21 6.20
C HIS B 273 19.29 7.77 4.80
N ALA B 274 18.63 7.14 3.81
CA ALA B 274 18.73 7.61 2.43
C ALA B 274 18.18 9.02 2.27
N ILE B 275 17.08 9.32 2.95
CA ILE B 275 16.51 10.65 2.91
C ILE B 275 17.50 11.67 3.46
N GLU B 276 18.13 11.36 4.60
CA GLU B 276 19.20 12.22 5.12
C GLU B 276 20.29 12.43 4.09
N GLU B 277 20.72 11.35 3.43
CA GLU B 277 21.79 11.51 2.44
C GLU B 277 21.31 12.32 1.23
N CYS B 278 20.03 12.18 0.85
CA CYS B 278 19.51 12.94 -0.28
C CYS B 278 19.42 14.42 0.06
N ILE B 279 18.98 14.75 1.27
CA ILE B 279 18.92 16.14 1.66
C ILE B 279 20.31 16.76 1.56
N GLN B 280 21.30 16.08 2.15
CA GLN B 280 22.68 16.58 2.13
C GLN B 280 23.18 16.72 0.70
N GLY B 281 22.92 15.72 -0.14
CA GLY B 281 23.34 15.82 -1.53
C GLY B 281 22.78 17.06 -2.21
N ALA B 282 21.48 17.32 -2.01
CA ALA B 282 20.90 18.53 -2.58
C ALA B 282 21.54 19.77 -1.98
N GLN B 283 21.75 19.76 -0.65
CA GLN B 283 22.37 20.92 -0.01
C GLN B 283 23.74 21.24 -0.61
N ARG B 284 24.54 20.22 -0.95
CA ARG B 284 25.85 20.51 -1.55
C ARG B 284 25.76 20.89 -3.03
N GLY B 285 24.58 21.07 -3.60
CA GLY B 285 24.51 21.41 -5.00
C GLY B 285 24.17 20.25 -5.90
N GLY B 286 23.85 19.09 -5.33
CA GLY B 286 23.50 17.92 -6.09
C GLY B 286 22.00 17.71 -6.21
N VAL B 287 21.59 16.45 -6.26
CA VAL B 287 20.19 16.12 -6.33
C VAL B 287 19.96 14.73 -5.74
N GLY B 288 18.79 14.55 -5.12
CA GLY B 288 18.49 13.31 -4.43
C GLY B 288 17.21 12.70 -4.96
N LEU B 289 17.15 11.37 -4.87
CA LEU B 289 15.97 10.67 -5.32
C LEU B 289 15.66 9.50 -4.40
N VAL B 290 14.42 9.44 -3.89
CA VAL B 290 13.92 8.24 -3.23
C VAL B 290 12.66 7.74 -3.96
N ALA B 291 12.71 6.50 -4.46
CA ALA B 291 11.56 5.88 -5.11
C ALA B 291 10.95 4.88 -4.14
N TYR B 292 9.64 4.98 -3.94
CA TYR B 292 8.97 4.17 -2.93
C TYR B 292 7.97 3.29 -3.66
N SER B 293 8.30 2.02 -3.82
CA SER B 293 7.58 1.13 -4.73
C SER B 293 6.68 0.15 -3.95
N ARG B 294 5.45 -0.07 -4.43
CA ARG B 294 4.47 -0.81 -3.61
C ARG B 294 4.62 -2.33 -3.83
N LYS B 295 5.54 -2.93 -3.08
CA LYS B 295 5.85 -4.34 -3.22
C LYS B 295 5.97 -4.97 -1.83
N GLU B 296 4.90 -4.82 -1.05
CA GLU B 296 4.89 -5.29 0.34
C GLU B 296 5.37 -6.74 0.41
N GLY B 297 6.31 -7.01 1.32
CA GLY B 297 6.69 -8.39 1.64
C GLY B 297 7.31 -9.16 0.49
N ARG B 298 8.27 -8.54 -0.19
CA ARG B 298 8.87 -9.12 -1.39
C ARG B 298 7.83 -9.38 -2.47
N ALA B 299 6.79 -8.54 -2.50
CA ALA B 299 5.66 -8.69 -3.40
C ALA B 299 4.94 -10.01 -3.16
N LEU B 300 5.18 -10.65 -2.02
CA LEU B 300 4.28 -11.71 -1.54
C LEU B 300 3.05 -11.20 -0.81
N GLY B 301 3.05 -9.95 -0.38
CA GLY B 301 2.00 -9.45 0.49
C GLY B 301 2.30 -9.72 1.96
N GLU B 302 1.50 -9.08 2.83
CA GLU B 302 1.77 -9.05 4.26
C GLU B 302 1.36 -10.33 5.00
N VAL B 303 0.34 -11.04 4.53
CA VAL B 303 -0.06 -12.29 5.18
C VAL B 303 1.06 -13.30 5.08
N THR B 304 1.58 -13.52 3.87
CA THR B 304 2.67 -14.47 3.72
C THR B 304 3.86 -14.05 4.58
N LYS B 305 4.16 -12.74 4.59
CA LYS B 305 5.27 -12.21 5.39
C LYS B 305 5.11 -12.55 6.88
N PHE B 306 3.91 -12.34 7.46
CA PHE B 306 3.72 -12.66 8.87
C PHE B 306 3.81 -14.18 9.12
N LEU B 307 3.25 -14.99 8.21
CA LEU B 307 3.38 -16.44 8.36
C LEU B 307 4.84 -16.85 8.45
N VAL B 308 5.69 -16.25 7.62
CA VAL B 308 7.11 -16.60 7.63
C VAL B 308 7.77 -16.15 8.95
N TYR B 309 7.42 -14.95 9.45
CA TYR B 309 7.94 -14.56 10.77
C TYR B 309 7.62 -15.62 11.82
N ASN B 310 6.39 -16.13 11.81
CA ASN B 310 6.03 -17.13 12.82
C ASN B 310 6.91 -18.38 12.68
N ALA B 311 7.09 -18.84 11.45
CA ALA B 311 7.88 -20.06 11.28
C ALA B 311 9.34 -19.81 11.62
N ARG B 312 9.86 -18.61 11.30
CA ARG B 312 11.21 -18.27 11.70
C ARG B 312 11.42 -18.47 13.20
N LYS B 313 10.46 -18.00 14.00
CA LYS B 313 10.66 -17.93 15.45
C LYS B 313 10.34 -19.25 16.15
N ARG B 314 9.59 -20.15 15.50
CA ARG B 314 9.24 -21.43 16.11
C ARG B 314 10.11 -22.59 15.63
N GLN B 315 10.92 -22.40 14.60
CA GLN B 315 11.65 -23.53 14.04
C GLN B 315 12.65 -24.09 15.05
N VAL B 316 12.91 -25.39 14.94
CA VAL B 316 13.94 -26.03 15.74
C VAL B 316 15.23 -25.22 15.60
N GLY B 317 15.93 -25.03 16.71
CA GLY B 317 17.20 -24.34 16.68
C GLY B 317 17.09 -22.84 16.66
N GLY B 318 15.88 -22.28 16.61
CA GLY B 318 15.68 -20.85 16.75
C GLY B 318 15.83 -20.06 15.44
N ASP B 319 15.63 -18.75 15.57
CA ASP B 319 15.66 -17.82 14.43
C ASP B 319 17.10 -17.52 14.07
N THR B 320 17.64 -18.25 13.08
CA THR B 320 19.02 -18.09 12.68
C THR B 320 19.12 -17.59 11.26
N ALA B 321 20.21 -16.87 10.98
CA ALA B 321 20.38 -16.28 9.66
C ALA B 321 20.58 -17.35 8.58
N ASP B 322 21.24 -18.47 8.89
CA ASP B 322 21.33 -19.50 7.84
C ASP B 322 20.01 -20.21 7.55
N GLN B 323 18.93 -19.90 8.26
CA GLN B 323 17.63 -20.43 7.90
C GLN B 323 16.69 -19.35 7.36
N TYR B 324 17.14 -18.09 7.30
CA TYR B 324 16.22 -16.99 6.99
C TYR B 324 15.54 -17.18 5.65
N PHE B 325 16.31 -17.40 4.58
CA PHE B 325 15.69 -17.53 3.26
C PHE B 325 14.91 -18.85 3.11
N ALA B 326 15.36 -19.92 3.77
CA ALA B 326 14.63 -21.19 3.70
C ALA B 326 13.21 -21.06 4.25
N ARG B 327 13.05 -20.28 5.33
CA ARG B 327 11.73 -20.08 5.92
C ARG B 327 10.78 -19.43 4.92
N THR B 328 11.26 -18.48 4.11
CA THR B 328 10.37 -17.89 3.09
C THR B 328 10.07 -18.89 1.99
N GLU B 329 11.08 -19.65 1.54
CA GLU B 329 10.89 -20.59 0.44
C GLU B 329 9.86 -21.66 0.77
N CYS B 330 9.86 -22.14 2.02
CA CYS B 330 8.92 -23.19 2.40
C CYS B 330 7.47 -22.70 2.30
N VAL B 331 7.21 -21.44 2.66
CA VAL B 331 5.86 -20.92 2.56
C VAL B 331 5.53 -20.53 1.12
N ALA B 332 6.46 -19.84 0.44
CA ALA B 332 6.14 -19.13 -0.79
C ALA B 332 6.66 -19.78 -2.07
N GLY B 333 7.55 -20.77 -1.99
CA GLY B 333 8.07 -21.40 -3.18
C GLY B 333 9.19 -20.63 -3.85
N VAL B 334 9.43 -19.39 -3.44
CA VAL B 334 10.52 -18.56 -3.94
C VAL B 334 11.00 -17.75 -2.75
N GLN B 335 12.16 -17.12 -2.92
CA GLN B 335 12.64 -16.22 -1.89
C GLN B 335 12.07 -14.83 -2.06
N ASP B 336 11.67 -14.46 -3.28
CA ASP B 336 11.44 -13.05 -3.60
C ASP B 336 10.70 -12.92 -4.92
N MET B 337 9.67 -12.09 -4.97
CA MET B 337 8.90 -11.91 -6.21
C MET B 337 8.89 -10.49 -6.69
N ARG B 338 9.82 -9.65 -6.25
CA ARG B 338 9.65 -8.24 -6.56
C ARG B 338 10.02 -7.95 -8.02
N PHE B 339 10.76 -8.85 -8.67
CA PHE B 339 11.27 -8.68 -10.01
C PHE B 339 11.83 -7.27 -10.23
N GLN B 340 13.01 -7.03 -9.63
CA GLN B 340 13.73 -5.79 -9.84
C GLN B 340 14.02 -5.52 -11.31
N GLU B 341 13.83 -6.50 -12.21
CA GLU B 341 14.06 -6.26 -13.62
C GLU B 341 13.23 -5.10 -14.18
N MET B 342 12.11 -4.78 -13.54
CA MET B 342 11.29 -3.66 -14.02
C MET B 342 11.52 -2.39 -13.25
N MET B 343 12.23 -2.48 -12.14
CA MET B 343 12.39 -1.34 -11.24
C MET B 343 13.14 -0.14 -11.84
N PRO B 344 14.15 -0.31 -12.71
CA PRO B 344 14.83 0.88 -13.27
C PRO B 344 13.97 1.72 -14.22
N ASP B 345 12.77 1.26 -14.60
CA ASP B 345 12.02 2.01 -15.60
C ASP B 345 11.83 3.46 -15.16
N VAL B 346 11.49 3.69 -13.89
CA VAL B 346 11.26 5.05 -13.38
C VAL B 346 12.53 5.87 -13.46
N LEU B 347 13.68 5.23 -13.27
CA LEU B 347 14.93 5.96 -13.37
C LEU B 347 15.10 6.49 -14.78
N HIS B 348 14.86 5.63 -15.77
CA HIS B 348 14.98 6.07 -17.16
C HIS B 348 13.93 7.12 -17.48
N TRP B 349 12.72 7.00 -16.91
CA TRP B 349 11.71 8.03 -17.11
C TRP B 349 12.23 9.38 -16.63
N LEU B 350 12.98 9.39 -15.54
CA LEU B 350 13.52 10.64 -15.02
C LEU B 350 14.82 11.04 -15.72
N GLY B 351 15.26 10.27 -16.71
CA GLY B 351 16.48 10.63 -17.42
C GLY B 351 17.77 10.25 -16.73
N VAL B 352 17.70 9.45 -15.65
CA VAL B 352 18.88 9.09 -14.89
C VAL B 352 19.78 8.21 -15.75
N ARG B 353 21.03 8.65 -15.92
CA ARG B 353 22.06 7.89 -16.60
C ARG B 353 23.16 7.43 -15.65
N LYS B 354 23.22 8.00 -14.45
CA LYS B 354 24.33 7.72 -13.55
C LYS B 354 23.85 7.96 -12.13
N ILE B 355 24.16 7.04 -11.21
CA ILE B 355 23.84 7.23 -9.79
C ILE B 355 25.16 7.31 -9.05
N HIS B 356 25.50 8.52 -8.59
CA HIS B 356 26.80 8.70 -7.94
C HIS B 356 26.85 8.02 -6.58
N ARG B 357 25.75 8.04 -5.82
CA ARG B 357 25.69 7.39 -4.52
C ARG B 357 24.40 6.58 -4.45
N LEU B 358 24.51 5.26 -4.50
CA LEU B 358 23.34 4.40 -4.46
C LEU B 358 23.18 3.91 -3.02
N VAL B 359 22.17 4.41 -2.33
CA VAL B 359 21.99 4.11 -0.88
C VAL B 359 21.15 2.84 -0.81
N SER B 360 21.83 1.70 -0.97
CA SER B 360 21.17 0.41 -1.12
C SER B 360 22.28 -0.64 -1.11
N MET B 361 21.89 -1.91 -0.86
CA MET B 361 22.86 -3.02 -0.84
C MET B 361 22.48 -4.16 -1.83
N SER B 362 21.19 -4.43 -1.99
CA SER B 362 20.68 -5.49 -2.84
C SER B 362 21.49 -5.66 -4.11
N ASN B 363 22.02 -6.87 -4.35
CA ASN B 363 22.63 -7.16 -5.64
C ASN B 363 21.57 -7.27 -6.72
N MET B 364 20.36 -7.67 -6.34
CA MET B 364 19.25 -7.73 -7.29
C MET B 364 18.95 -6.33 -7.85
N LYS B 365 18.84 -5.31 -6.99
CA LYS B 365 18.60 -3.94 -7.47
C LYS B 365 19.80 -3.43 -8.27
N TYR B 366 21.01 -3.60 -7.74
CA TYR B 366 22.21 -3.13 -8.42
C TYR B 366 22.34 -3.76 -9.82
N ASP B 367 22.15 -5.08 -9.91
CA ASP B 367 22.25 -5.76 -11.20
C ASP B 367 21.24 -5.21 -12.20
N ALA B 368 20.02 -4.96 -11.75
CA ALA B 368 19.01 -4.42 -12.66
C ALA B 368 19.38 -3.02 -13.09
N ILE B 369 19.74 -2.17 -12.13
CA ILE B 369 20.09 -0.79 -12.48
C ILE B 369 21.24 -0.78 -13.49
N THR B 370 22.38 -1.41 -13.16
CA THR B 370 23.51 -1.32 -14.08
C THR B 370 23.24 -2.09 -15.36
N GLY B 371 22.59 -3.26 -15.23
CA GLY B 371 22.18 -4.00 -16.40
C GLY B 371 21.36 -3.17 -17.37
N SER B 372 20.57 -2.23 -16.86
CA SER B 372 19.75 -1.40 -17.71
C SER B 372 20.50 -0.19 -18.27
N GLY B 373 21.82 -0.13 -18.09
CA GLY B 373 22.58 0.96 -18.64
C GLY B 373 22.85 2.15 -17.73
N ILE B 374 22.48 2.10 -16.46
CA ILE B 374 22.72 3.21 -15.55
C ILE B 374 24.00 2.93 -14.77
N GLU B 375 24.93 3.88 -14.80
CA GLU B 375 26.19 3.73 -14.09
C GLU B 375 25.99 3.95 -12.59
N VAL B 376 26.62 3.12 -11.78
CA VAL B 376 26.61 3.28 -10.34
C VAL B 376 28.05 3.45 -9.86
N VAL B 377 28.31 4.49 -9.06
CA VAL B 377 29.70 4.74 -8.66
C VAL B 377 29.93 4.21 -7.25
N GLU B 378 29.44 4.97 -6.25
CA GLU B 378 29.55 4.55 -4.85
C GLU B 378 28.33 3.77 -4.38
N ARG B 379 28.55 2.62 -3.72
CA ARG B 379 27.46 1.92 -3.03
C ARG B 379 27.49 2.23 -1.54
N VAL B 380 26.37 2.67 -0.96
CA VAL B 380 26.32 3.14 0.43
C VAL B 380 25.52 2.11 1.23
N ASP B 381 26.24 1.28 1.98
CA ASP B 381 25.61 0.28 2.84
C ASP B 381 24.95 0.92 4.06
N LEU B 382 24.09 0.15 4.71
CA LEU B 382 23.40 0.63 5.91
C LEU B 382 24.35 0.63 7.10
N PRO B 383 24.64 1.77 7.71
CA PRO B 383 25.59 1.78 8.83
C PRO B 383 25.16 0.77 9.89
N ALA B 384 26.14 0.07 10.47
CA ALA B 384 25.85 -0.95 11.48
C ALA B 384 25.01 -0.39 12.62
N ASP B 385 25.24 0.87 13.01
CA ASP B 385 24.51 1.28 14.22
C ASP B 385 23.03 1.58 13.95
N LEU B 386 22.57 1.55 12.70
CA LEU B 386 21.15 1.77 12.41
C LEU B 386 20.36 0.46 12.28
N ILE B 387 21.01 -0.69 12.40
CA ILE B 387 20.33 -2.00 12.36
C ILE B 387 19.50 -2.20 13.63
N PRO B 388 18.19 -2.36 13.53
CA PRO B 388 17.38 -2.53 14.75
C PRO B 388 17.74 -3.80 15.50
N ALA B 389 17.21 -3.87 16.72
CA ALA B 389 17.57 -4.91 17.69
C ALA B 389 17.25 -6.34 17.21
N ASP B 390 16.19 -6.53 16.41
CA ASP B 390 15.91 -7.90 15.94
C ASP B 390 16.10 -8.05 14.43
N ALA B 391 16.88 -7.18 13.80
CA ALA B 391 17.07 -7.19 12.35
C ALA B 391 18.40 -7.79 11.95
N ARG B 392 19.14 -8.30 12.93
CA ARG B 392 20.45 -8.90 12.68
C ARG B 392 20.34 -10.12 11.79
N VAL B 393 19.32 -10.95 12.02
CA VAL B 393 19.12 -12.13 11.19
C VAL B 393 18.95 -11.72 9.74
N GLU B 394 18.07 -10.74 9.50
CA GLU B 394 17.78 -10.29 8.13
C GLU B 394 19.05 -9.84 7.41
N ILE B 395 19.78 -8.88 8.01
CA ILE B 395 20.86 -8.22 7.27
C ILE B 395 22.05 -9.16 7.10
N ASP B 396 22.31 -10.05 8.09
CA ASP B 396 23.37 -11.04 7.91
C ASP B 396 23.06 -12.00 6.78
N ALA B 397 21.82 -12.52 6.76
CA ALA B 397 21.41 -13.42 5.69
C ALA B 397 21.54 -12.73 4.33
N LYS B 398 21.16 -11.44 4.26
CA LYS B 398 21.24 -10.73 2.99
C LYS B 398 22.70 -10.60 2.56
N MET B 399 23.57 -10.21 3.49
CA MET B 399 24.98 -10.09 3.14
C MET B 399 25.54 -11.43 2.65
N ALA B 400 25.21 -12.51 3.36
CA ALA B 400 25.71 -13.82 2.96
C ALA B 400 25.14 -14.24 1.60
N ALA B 401 23.95 -13.74 1.27
CA ALA B 401 23.33 -14.04 0.00
C ALA B 401 23.86 -13.19 -1.15
N GLY B 402 24.85 -12.31 -0.92
CA GLY B 402 25.41 -11.50 -1.99
C GLY B 402 25.05 -10.02 -1.96
N TYR B 403 24.29 -9.55 -0.97
CA TYR B 403 24.05 -8.11 -0.90
C TYR B 403 25.38 -7.41 -0.66
N PHE B 404 25.55 -6.22 -1.25
CA PHE B 404 26.77 -5.45 -1.09
C PHE B 404 27.08 -5.17 0.38
N THR B 405 28.36 -5.25 0.75
CA THR B 405 28.81 -4.76 2.04
C THR B 405 30.26 -4.36 1.82
N PRO B 406 30.72 -3.26 2.44
CA PRO B 406 32.09 -2.77 2.16
C PRO B 406 33.18 -3.76 2.53
N GLY B 407 32.96 -4.58 3.54
CA GLY B 407 33.98 -5.54 3.96
C GLY B 407 33.52 -6.98 4.02
N ALA B 408 33.78 -7.65 5.15
CA ALA B 408 33.65 -9.10 5.25
C ALA B 408 32.18 -9.54 5.32
N VAL B 409 31.91 -10.68 4.71
CA VAL B 409 30.59 -11.30 4.74
C VAL B 409 30.57 -12.27 5.90
N PRO B 410 29.49 -12.46 6.65
CA PRO B 410 29.52 -13.54 7.66
C PRO B 410 29.75 -14.94 7.06
N ASP B 411 30.43 -15.85 7.77
CA ASP B 411 30.70 -17.30 7.40
C ASP B 411 29.59 -18.26 7.92
N ALA B 412 29.73 -19.60 7.77
CA ALA B 412 28.78 -20.67 8.10
C ALA B 412 28.51 -20.56 9.57
N ASP B 413 29.59 -20.50 10.37
CA ASP B 413 29.47 -20.01 11.73
C ASP B 413 29.20 -18.52 11.65
N GLU B 414 28.58 -17.99 12.68
CA GLU B 414 28.11 -16.60 12.62
C GLU B 414 26.73 -16.62 12.01
N LEU B 415 26.60 -17.20 10.80
CA LEU B 415 25.25 -17.30 10.25
C LEU B 415 24.43 -18.29 11.05
N ALA B 416 25.09 -19.24 11.74
CA ALA B 416 24.40 -20.20 12.56
C ALA B 416 24.12 -19.67 13.96
N LYS B 417 24.62 -18.50 14.37
CA LYS B 417 24.25 -17.95 15.67
C LYS B 417 22.75 -17.64 15.75
N VAL B 418 22.11 -18.03 16.86
CA VAL B 418 20.69 -17.75 17.08
C VAL B 418 20.51 -16.26 17.31
N LYS B 419 20.52 -15.48 16.24
CA LYS B 419 20.52 -14.06 16.50
C LYS B 419 19.13 -13.50 16.72
N GLY B 420 18.06 -14.25 16.40
CA GLY B 420 16.73 -13.69 16.40
C GLY B 420 16.04 -13.84 17.75
N ARG B 421 15.34 -12.79 18.15
CA ARG B 421 14.60 -12.83 19.40
C ARG B 421 13.54 -13.92 19.38
N GLU B 422 13.30 -14.51 20.54
CA GLU B 422 12.18 -15.44 20.67
C GLU B 422 10.87 -14.70 20.60
N LEU B 423 9.80 -15.42 20.27
CA LEU B 423 8.45 -14.86 20.24
C LEU B 423 8.04 -14.39 21.64
N ASP B 424 7.27 -13.30 21.68
CA ASP B 424 6.97 -12.63 22.93
C ASP B 424 8.23 -11.89 23.30
N GLY B 425 9.22 -12.66 23.75
CA GLY B 425 10.62 -12.25 23.84
C GLY B 425 10.82 -10.89 24.48
#